data_3EFZ
#
_entry.id   3EFZ
#
_cell.length_a   76.464
_cell.length_b   106.712
_cell.length_c   92.513
_cell.angle_alpha   90.00
_cell.angle_beta   112.83
_cell.angle_gamma   90.00
#
_symmetry.space_group_name_H-M   'P 1 21 1'
#
loop_
_entity.id
_entity.type
_entity.pdbx_description
1 polymer '14-3-3 protein'
2 non-polymer 1,2-ETHANEDIOL
3 water water
#
_entity_poly.entity_id   1
_entity_poly.type   'polypeptide(L)'
_entity_poly.pdbx_seq_one_letter_code
;MGSSHHHHHHSSGRENLYFQGITEKNMKLSEGAYRAKLADMVGNYKDVIKVLTESSDFRDNSLILLLAGSLRNRVTSIRN
SLKSIKSQEEKLRKEKSLNNEFIQVIEDIKRDFEESILLESEDVIRIIDDNLLMYSEEGARAFCIKLKGDLMRYKAEILK
DEEKNQCIKQAVEFYEDALQRERSFLEKYPSDPLYLATILNYTILKYDLLGNPEGAMKFANRAIQAAENSRSDSEQFSEN
TEKLLKILRDNVSQWEQGCSGLLT(SEP)AFF
;
_entity_poly.pdbx_strand_id   A,B,C,D
#
loop_
_chem_comp.id
_chem_comp.type
_chem_comp.name
_chem_comp.formula
EDO non-polymer 1,2-ETHANEDIOL 'C2 H6 O2'
#
# COMPACT_ATOMS: atom_id res chain seq x y z
N LYS A 46 19.15 33.95 8.59
CA LYS A 46 19.97 35.17 8.29
C LYS A 46 20.95 34.90 7.15
N ASP A 47 21.72 33.83 7.29
CA ASP A 47 22.57 33.33 6.21
C ASP A 47 21.77 33.24 4.90
N VAL A 48 20.69 32.47 4.92
CA VAL A 48 19.83 32.29 3.76
C VAL A 48 19.13 33.60 3.33
N ILE A 49 18.77 34.43 4.31
CA ILE A 49 18.07 35.69 4.01
C ILE A 49 18.94 36.66 3.21
N LYS A 50 20.17 36.91 3.69
CA LYS A 50 21.09 37.84 3.02
C LYS A 50 21.47 37.39 1.61
N VAL A 51 21.56 36.08 1.40
CA VAL A 51 21.83 35.49 0.10
C VAL A 51 20.65 35.71 -0.86
N LEU A 52 19.43 35.38 -0.40
CA LEU A 52 18.24 35.51 -1.22
C LEU A 52 17.90 36.96 -1.57
N THR A 53 18.09 37.87 -0.60
CA THR A 53 17.85 39.31 -0.81
C THR A 53 18.80 39.94 -1.84
N GLU A 54 19.90 39.24 -2.14
CA GLU A 54 20.89 39.71 -3.11
C GLU A 54 20.99 38.78 -4.32
N ASP A 60 17.55 31.61 -9.96
CA ASP A 60 17.13 30.65 -8.95
C ASP A 60 17.51 29.23 -9.37
N ASN A 61 18.46 28.65 -8.64
CA ASN A 61 19.02 27.33 -8.98
C ASN A 61 19.59 26.63 -7.74
N SER A 62 20.71 27.15 -7.26
CA SER A 62 21.28 26.71 -5.99
C SER A 62 20.66 27.56 -4.89
N LEU A 63 19.93 28.60 -5.30
CA LEU A 63 19.09 29.39 -4.40
C LEU A 63 17.88 28.57 -3.96
N ILE A 64 17.32 27.81 -4.90
CA ILE A 64 16.30 26.82 -4.63
C ILE A 64 16.82 25.73 -3.68
N LEU A 65 18.05 25.27 -3.92
CA LEU A 65 18.71 24.31 -3.07
C LEU A 65 18.93 24.86 -1.66
N LEU A 66 19.22 26.15 -1.59
CA LEU A 66 19.40 26.84 -0.35
C LEU A 66 18.07 26.91 0.39
N LEU A 67 17.02 27.25 -0.33
CA LEU A 67 15.67 27.30 0.20
C LEU A 67 15.20 25.95 0.70
N ALA A 68 15.42 24.92 -0.13
CA ALA A 68 15.08 23.54 0.20
C ALA A 68 15.83 22.99 1.42
N GLY A 69 17.07 23.40 1.61
CA GLY A 69 17.80 23.08 2.82
C GLY A 69 17.17 23.70 4.07
N SER A 70 16.65 24.92 3.96
CA SER A 70 15.94 25.58 5.07
C SER A 70 14.60 24.88 5.35
N LEU A 71 13.93 24.38 4.33
CA LEU A 71 12.69 23.62 4.52
C LEU A 71 12.93 22.29 5.24
N ARG A 72 14.00 21.59 4.86
CA ARG A 72 14.40 20.36 5.51
C ARG A 72 14.55 20.60 7.00
N ASN A 73 15.30 21.66 7.33
CA ASN A 73 15.62 22.08 8.68
C ASN A 73 14.40 22.39 9.56
N ARG A 74 13.33 22.91 8.96
CA ARG A 74 12.04 23.06 9.68
C ARG A 74 11.56 21.75 10.34
N VAL A 75 11.60 20.66 9.58
CA VAL A 75 11.16 19.35 10.09
C VAL A 75 12.21 18.69 10.99
N THR A 76 13.47 18.66 10.55
CA THR A 76 14.46 17.90 11.28
C THR A 76 14.80 18.53 12.62
N SER A 77 14.71 19.87 12.71
CA SER A 77 15.00 20.55 13.98
C SER A 77 14.04 20.13 15.10
N ILE A 78 12.75 20.17 14.82
CA ILE A 78 11.71 19.76 15.78
C ILE A 78 11.75 18.25 16.03
N ARG A 79 12.03 17.47 14.99
CA ARG A 79 12.17 16.03 15.13
C ARG A 79 13.34 15.66 16.07
N ASN A 80 14.46 16.36 15.94
CA ASN A 80 15.63 16.14 16.82
C ASN A 80 15.36 16.47 18.28
N SER A 81 14.59 17.53 18.53
CA SER A 81 14.20 17.92 19.89
C SER A 81 13.25 16.91 20.51
N LEU A 82 12.34 16.37 19.70
CA LEU A 82 11.45 15.31 20.18
C LEU A 82 12.23 14.00 20.49
N LYS A 83 13.21 13.68 19.66
CA LYS A 83 14.10 12.56 19.91
C LYS A 83 14.79 12.67 21.25
N SER A 84 15.23 13.88 21.58
CA SER A 84 15.85 14.20 22.85
C SER A 84 14.86 13.98 24.01
N ILE A 85 13.64 14.46 23.86
CA ILE A 85 12.61 14.28 24.89
C ILE A 85 12.29 12.80 25.16
N LYS A 86 12.19 12.01 24.09
CA LYS A 86 11.89 10.59 24.23
C LYS A 86 13.02 9.78 24.88
N SER A 87 14.28 10.16 24.65
CA SER A 87 15.40 9.40 25.23
C SER A 87 15.40 9.67 26.67
N GLN A 88 15.20 10.95 26.99
CA GLN A 88 15.12 11.41 28.35
C GLN A 88 13.95 10.74 29.07
N GLU A 89 12.80 10.65 28.41
CA GLU A 89 11.63 9.95 28.94
C GLU A 89 11.90 8.48 29.22
N GLU A 90 12.47 7.77 28.24
CA GLU A 90 12.90 6.37 28.40
C GLU A 90 13.82 6.20 29.62
N LYS A 91 14.82 7.06 29.74
CA LYS A 91 15.74 7.02 30.88
C LYS A 91 15.01 7.27 32.20
N LEU A 92 14.21 8.33 32.22
CA LEU A 92 13.44 8.71 33.40
C LEU A 92 12.58 7.55 33.90
N ARG A 93 11.80 6.97 32.99
CA ARG A 93 10.81 5.95 33.33
C ARG A 93 11.40 4.57 33.61
N LYS A 94 12.62 4.36 33.14
CA LYS A 94 13.41 3.19 33.48
C LYS A 94 13.64 3.18 34.99
N GLU A 95 13.92 4.35 35.55
CA GLU A 95 14.32 4.48 36.96
C GLU A 95 13.19 4.79 37.92
N LYS A 96 12.14 5.46 37.42
CA LYS A 96 11.14 6.12 38.28
C LYS A 96 9.68 5.83 37.91
N SER A 97 8.82 5.69 38.92
CA SER A 97 7.39 5.45 38.71
C SER A 97 6.62 6.70 38.26
N LEU A 98 7.03 7.86 38.75
CA LEU A 98 6.37 9.16 38.48
C LEU A 98 4.95 9.22 39.06
N ASN A 99 4.08 10.01 38.46
CA ASN A 99 2.69 10.03 38.86
C ASN A 99 1.84 10.22 37.62
N ASN A 100 0.55 9.92 37.73
CA ASN A 100 -0.34 9.90 36.58
C ASN A 100 -0.47 11.25 35.90
N GLU A 101 -0.45 12.32 36.69
CA GLU A 101 -0.49 13.69 36.18
C GLU A 101 0.74 14.01 35.33
N PHE A 102 1.93 13.73 35.85
CA PHE A 102 3.18 14.00 35.15
C PHE A 102 3.24 13.19 33.86
N ILE A 103 2.93 11.89 33.94
CA ILE A 103 2.88 11.05 32.74
C ILE A 103 1.99 11.62 31.64
N GLN A 104 0.85 12.21 32.03
CA GLN A 104 -0.05 12.83 31.06
C GLN A 104 0.59 14.06 30.41
N VAL A 105 1.21 14.92 31.21
CA VAL A 105 1.87 16.13 30.70
C VAL A 105 2.91 15.76 29.65
N ILE A 106 3.73 14.75 29.97
CA ILE A 106 4.72 14.22 29.03
C ILE A 106 4.05 13.75 27.74
N GLU A 107 2.95 13.01 27.84
CA GLU A 107 2.24 12.56 26.65
C GLU A 107 1.72 13.75 25.83
N ASP A 108 1.21 14.76 26.53
CA ASP A 108 0.71 15.99 25.91
C ASP A 108 1.79 16.70 25.10
N ILE A 109 2.98 16.84 25.71
CA ILE A 109 4.15 17.49 25.13
C ILE A 109 4.63 16.75 23.87
N LYS A 110 4.72 15.43 23.96
CA LYS A 110 5.10 14.62 22.80
C LYS A 110 4.11 14.79 21.65
N ARG A 111 2.82 14.81 21.95
CA ARG A 111 1.76 14.99 20.99
C ARG A 111 1.86 16.39 20.34
N ASP A 112 2.21 17.41 21.13
CA ASP A 112 2.45 18.77 20.62
C ASP A 112 3.60 18.79 19.61
N PHE A 113 4.72 18.15 19.95
CA PHE A 113 5.86 18.01 19.04
C PHE A 113 5.57 17.20 17.76
N GLU A 114 4.85 16.09 17.89
CA GLU A 114 4.46 15.30 16.73
C GLU A 114 3.53 16.08 15.81
N GLU A 115 2.53 16.76 16.38
CA GLU A 115 1.68 17.67 15.61
C GLU A 115 2.49 18.62 14.77
N SER A 116 3.46 19.28 15.40
CA SER A 116 4.29 20.27 14.76
C SER A 116 5.18 19.70 13.65
N ILE A 117 5.69 18.49 13.84
CA ILE A 117 6.44 17.76 12.81
C ILE A 117 5.56 17.42 11.58
N LEU A 118 4.32 17.01 11.86
CA LEU A 118 3.34 16.72 10.83
C LEU A 118 2.94 17.98 10.04
N LEU A 119 2.66 19.07 10.77
CA LEU A 119 2.43 20.40 10.16
C LEU A 119 3.57 20.86 9.25
N GLU A 120 4.80 20.81 9.75
CA GLU A 120 5.97 21.25 8.96
C GLU A 120 6.18 20.38 7.74
N SER A 121 6.09 19.05 7.94
CA SER A 121 6.23 18.08 6.86
C SER A 121 5.19 18.35 5.77
N GLU A 122 3.92 18.45 6.14
CA GLU A 122 2.85 18.77 5.20
C GLU A 122 3.06 20.10 4.47
N ASP A 123 3.44 21.16 5.19
CA ASP A 123 3.74 22.45 4.54
C ASP A 123 4.86 22.32 3.48
N VAL A 124 5.96 21.69 3.87
CA VAL A 124 7.14 21.56 3.05
C VAL A 124 6.93 20.67 1.81
N ILE A 125 6.21 19.56 1.98
CA ILE A 125 5.89 18.73 0.83
C ILE A 125 5.16 19.57 -0.20
N ARG A 126 4.18 20.36 0.25
CA ARG A 126 3.38 21.16 -0.65
C ARG A 126 4.14 22.33 -1.25
N ILE A 127 5.00 22.99 -0.47
CA ILE A 127 5.91 24.01 -1.05
C ILE A 127 6.79 23.40 -2.14
N ILE A 128 7.30 22.20 -1.91
CA ILE A 128 8.16 21.55 -2.89
C ILE A 128 7.37 21.30 -4.20
N ASP A 129 6.21 20.68 -4.10
CA ASP A 129 5.36 20.47 -5.29
C ASP A 129 4.84 21.74 -5.98
N ASP A 130 4.36 22.69 -5.20
CA ASP A 130 3.67 23.85 -5.74
C ASP A 130 4.61 24.99 -6.09
N ASN A 131 5.71 25.13 -5.36
CA ASN A 131 6.56 26.32 -5.40
C ASN A 131 7.99 26.12 -5.90
N LEU A 132 8.47 24.88 -5.90
CA LEU A 132 9.87 24.63 -6.22
C LEU A 132 10.12 23.73 -7.43
N LEU A 133 9.34 22.66 -7.56
CA LEU A 133 9.63 21.63 -8.53
C LEU A 133 9.56 22.03 -10.01
N MET A 134 8.70 22.99 -10.36
CA MET A 134 8.61 23.41 -11.77
CA MET A 134 8.57 23.46 -11.76
C MET A 134 9.69 24.42 -12.17
N TYR A 135 10.48 24.86 -11.20
CA TYR A 135 11.58 25.78 -11.45
C TYR A 135 12.93 25.16 -11.17
N SER A 136 12.94 23.86 -10.87
CA SER A 136 14.15 23.14 -10.51
C SER A 136 14.79 22.45 -11.70
N GLU A 137 16.13 22.50 -11.74
CA GLU A 137 16.89 21.69 -12.66
C GLU A 137 16.97 20.29 -12.09
N GLU A 138 17.40 19.33 -12.91
CA GLU A 138 17.39 17.91 -12.52
C GLU A 138 18.03 17.61 -11.16
N GLY A 139 19.07 18.35 -10.80
CA GLY A 139 19.80 18.14 -9.56
C GLY A 139 19.04 18.57 -8.32
N ALA A 140 18.56 19.80 -8.33
CA ALA A 140 17.66 20.31 -7.28
C ALA A 140 16.38 19.49 -7.18
N ARG A 141 15.85 19.07 -8.33
CA ARG A 141 14.65 18.28 -8.39
C ARG A 141 14.82 16.95 -7.67
N ALA A 142 15.94 16.27 -7.95
CA ALA A 142 16.29 15.05 -7.26
C ALA A 142 16.45 15.31 -5.76
N PHE A 143 17.16 16.38 -5.41
CA PHE A 143 17.32 16.76 -4.01
C PHE A 143 15.96 16.88 -3.33
N CYS A 144 15.02 17.51 -4.01
CA CYS A 144 13.67 17.73 -3.49
C CYS A 144 12.84 16.45 -3.41
N ILE A 145 13.03 15.55 -4.37
CA ILE A 145 12.31 14.27 -4.33
C ILE A 145 12.80 13.42 -3.17
N LYS A 146 14.13 13.39 -2.96
CA LYS A 146 14.70 12.75 -1.79
C LYS A 146 14.11 13.34 -0.52
N LEU A 147 14.01 14.67 -0.44
CA LEU A 147 13.50 15.35 0.73
C LEU A 147 12.07 14.93 1.03
N LYS A 148 11.23 14.87 -0.01
CA LYS A 148 9.88 14.33 0.14
C LYS A 148 9.83 12.92 0.70
N GLY A 149 10.81 12.06 0.36
CA GLY A 149 10.88 10.73 0.91
C GLY A 149 11.23 10.74 2.38
N ASP A 150 12.14 11.65 2.75
CA ASP A 150 12.54 11.88 4.14
C ASP A 150 11.32 12.24 4.97
N LEU A 151 10.60 13.24 4.48
CA LEU A 151 9.38 13.70 5.09
C LEU A 151 8.24 12.70 5.21
N MET A 152 7.98 11.92 4.16
CA MET A 152 7.07 10.78 4.23
C MET A 152 7.53 9.76 5.29
N ARG A 153 8.84 9.53 5.35
CA ARG A 153 9.45 8.73 6.41
C ARG A 153 9.23 9.29 7.84
N TYR A 154 9.40 10.62 8.03
CA TYR A 154 9.20 11.24 9.34
C TYR A 154 7.72 11.25 9.77
N LYS A 155 6.83 11.39 8.81
CA LYS A 155 5.40 11.22 9.01
C LYS A 155 5.08 9.76 9.41
N ALA A 156 5.70 8.78 8.75
CA ALA A 156 5.47 7.37 9.11
C ALA A 156 5.98 7.00 10.52
N GLU A 157 7.03 7.66 11.00
CA GLU A 157 7.53 7.47 12.36
C GLU A 157 6.51 7.86 13.40
N ILE A 158 5.62 8.75 13.00
CA ILE A 158 4.65 9.37 13.93
C ILE A 158 3.28 8.70 13.86
N LEU A 159 2.82 8.44 12.65
CA LEU A 159 1.46 7.96 12.39
C LEU A 159 1.38 6.45 12.54
N LYS A 160 0.14 5.97 12.62
CA LYS A 160 -0.16 4.56 12.80
C LYS A 160 -1.12 4.10 11.72
N ASP A 161 -1.41 2.80 11.75
CA ASP A 161 -2.47 2.17 10.97
C ASP A 161 -2.26 2.32 9.46
N GLU A 162 -3.32 2.61 8.72
CA GLU A 162 -3.22 2.74 7.27
C GLU A 162 -2.43 3.97 6.81
N GLU A 163 -2.57 5.08 7.52
CA GLU A 163 -1.80 6.31 7.26
C GLU A 163 -0.29 6.04 7.32
N LYS A 164 0.15 5.27 8.31
CA LYS A 164 1.55 4.93 8.45
C LYS A 164 2.02 4.20 7.20
N ASN A 165 1.25 3.19 6.79
CA ASN A 165 1.57 2.37 5.62
C ASN A 165 1.58 3.15 4.31
N GLN A 166 0.57 4.02 4.12
CA GLN A 166 0.52 4.96 2.99
C GLN A 166 1.80 5.81 2.91
N CYS A 167 2.22 6.37 4.06
CA CYS A 167 3.47 7.16 4.18
C CYS A 167 4.75 6.38 3.87
N ILE A 168 4.84 5.13 4.33
CA ILE A 168 6.03 4.33 4.04
C ILE A 168 6.08 3.98 2.54
N LYS A 169 4.92 3.71 1.97
CA LYS A 169 4.83 3.41 0.51
C LYS A 169 5.29 4.58 -0.36
N GLN A 170 4.87 5.79 0.00
CA GLN A 170 5.23 7.01 -0.73
CA GLN A 170 5.24 6.98 -0.75
C GLN A 170 6.72 7.35 -0.59
N ALA A 171 7.26 7.14 0.60
CA ALA A 171 8.71 7.26 0.82
C ALA A 171 9.49 6.28 -0.05
N VAL A 172 9.02 5.04 -0.17
CA VAL A 172 9.64 4.06 -1.09
C VAL A 172 9.63 4.62 -2.51
N GLU A 173 8.46 5.09 -2.94
CA GLU A 173 8.26 5.68 -4.26
C GLU A 173 9.21 6.86 -4.56
N PHE A 174 9.35 7.80 -3.62
CA PHE A 174 10.24 8.94 -3.82
C PHE A 174 11.70 8.51 -3.80
N TYR A 175 12.09 7.66 -2.85
CA TYR A 175 13.49 7.25 -2.80
C TYR A 175 13.89 6.55 -4.10
N GLU A 176 13.04 5.63 -4.54
CA GLU A 176 13.23 4.94 -5.82
C GLU A 176 13.32 5.91 -6.99
N ASP A 177 12.47 6.94 -7.00
CA ASP A 177 12.41 7.87 -8.12
C ASP A 177 13.63 8.80 -8.09
N ALA A 178 13.99 9.29 -6.89
CA ALA A 178 15.20 10.12 -6.75
C ALA A 178 16.46 9.40 -7.25
N LEU A 179 16.66 8.15 -6.84
CA LEU A 179 17.84 7.35 -7.26
C LEU A 179 17.90 7.13 -8.76
N GLN A 180 16.77 6.77 -9.37
CA GLN A 180 16.71 6.61 -10.82
C GLN A 180 17.09 7.91 -11.54
N ARG A 181 16.51 9.03 -11.13
CA ARG A 181 16.86 10.35 -11.67
C ARG A 181 18.36 10.64 -11.51
N GLU A 182 18.87 10.47 -10.29
CA GLU A 182 20.29 10.65 -10.00
C GLU A 182 21.19 9.82 -10.94
N ARG A 183 20.90 8.54 -11.08
CA ARG A 183 21.69 7.69 -11.99
C ARG A 183 21.70 8.18 -13.44
N SER A 184 20.62 8.84 -13.89
CA SER A 184 20.53 9.24 -15.30
C SER A 184 21.25 10.55 -15.66
N PHE A 185 21.49 11.42 -14.68
CA PHE A 185 22.17 12.68 -15.00
C PHE A 185 23.50 12.91 -14.33
N LEU A 186 23.69 12.31 -13.15
CA LEU A 186 24.94 12.44 -12.43
C LEU A 186 26.01 11.61 -13.09
N GLU A 187 27.12 12.26 -13.38
CA GLU A 187 28.32 11.59 -13.81
C GLU A 187 29.00 11.08 -12.55
N LYS A 188 29.62 9.91 -12.66
CA LYS A 188 30.14 9.20 -11.50
C LYS A 188 29.10 9.23 -10.39
N TYR A 189 27.89 8.74 -10.67
CA TYR A 189 26.81 8.72 -9.67
C TYR A 189 27.16 7.86 -8.44
N PRO A 190 27.87 6.70 -8.62
CA PRO A 190 28.08 5.85 -7.45
C PRO A 190 28.69 6.56 -6.24
N SER A 191 29.51 7.58 -6.49
CA SER A 191 30.22 8.30 -5.43
C SER A 191 29.77 9.75 -5.25
N ASP A 192 28.73 10.15 -5.98
CA ASP A 192 28.17 11.47 -5.82
C ASP A 192 27.50 11.58 -4.44
N PRO A 193 27.69 12.72 -3.75
CA PRO A 193 27.12 12.79 -2.39
C PRO A 193 25.57 12.83 -2.35
N LEU A 194 24.93 13.46 -3.33
CA LEU A 194 23.45 13.44 -3.39
C LEU A 194 22.94 12.00 -3.58
N TYR A 195 23.63 11.24 -4.41
CA TYR A 195 23.28 9.85 -4.62
C TYR A 195 23.48 9.04 -3.34
N LEU A 196 24.66 9.10 -2.74
CA LEU A 196 24.93 8.39 -1.49
C LEU A 196 24.02 8.77 -0.32
N ALA A 197 23.61 10.04 -0.25
CA ALA A 197 22.67 10.48 0.79
C ALA A 197 21.25 9.95 0.57
N THR A 198 20.87 9.80 -0.70
CA THR A 198 19.57 9.22 -1.07
C THR A 198 19.57 7.74 -0.69
N ILE A 199 20.66 7.05 -1.05
CA ILE A 199 20.91 5.64 -0.70
C ILE A 199 20.88 5.41 0.82
N LEU A 200 21.61 6.25 1.53
CA LEU A 200 21.72 6.14 2.97
C LEU A 200 20.34 6.23 3.64
N ASN A 201 19.57 7.23 3.25
CA ASN A 201 18.25 7.44 3.81
C ASN A 201 17.23 6.36 3.45
N TYR A 202 17.35 5.82 2.24
CA TYR A 202 16.53 4.69 1.80
C TYR A 202 16.84 3.45 2.63
N THR A 203 18.13 3.24 2.91
CA THR A 203 18.64 2.18 3.78
C THR A 203 18.04 2.21 5.21
N ILE A 204 17.87 3.40 5.77
CA ILE A 204 17.22 3.56 7.08
C ILE A 204 15.70 3.27 6.97
N LEU A 205 15.10 3.65 5.84
CA LEU A 205 13.71 3.24 5.62
C LEU A 205 13.62 1.70 5.58
N LYS A 206 14.55 1.05 4.87
CA LYS A 206 14.50 -0.39 4.68
C LYS A 206 14.71 -1.13 5.99
N TYR A 207 15.64 -0.63 6.81
CA TYR A 207 16.04 -1.31 8.03
C TYR A 207 14.94 -1.25 9.09
N ASP A 208 14.39 -0.05 9.27
CA ASP A 208 13.46 0.20 10.35
C ASP A 208 12.01 0.05 9.89
N LEU A 209 11.48 1.04 9.17
CA LEU A 209 10.05 1.09 8.85
C LEU A 209 9.57 -0.07 8.01
N LEU A 210 10.41 -0.51 7.08
CA LEU A 210 10.07 -1.65 6.21
C LEU A 210 10.43 -2.97 6.85
N GLY A 211 11.23 -2.91 7.94
CA GLY A 211 11.59 -4.08 8.73
C GLY A 211 12.39 -5.14 7.99
N ASN A 212 13.34 -4.71 7.16
CA ASN A 212 14.26 -5.63 6.47
C ASN A 212 15.71 -5.28 6.78
N PRO A 213 16.19 -5.60 8.02
CA PRO A 213 17.61 -5.31 8.35
C PRO A 213 18.61 -5.89 7.37
N GLU A 214 18.39 -7.14 6.96
CA GLU A 214 19.32 -7.86 6.10
C GLU A 214 19.43 -7.21 4.72
N GLY A 215 18.28 -6.92 4.11
CA GLY A 215 18.22 -6.20 2.83
C GLY A 215 18.76 -4.77 2.88
N ALA A 216 18.44 -4.05 3.96
CA ALA A 216 19.02 -2.71 4.18
C ALA A 216 20.56 -2.73 4.17
N MET A 217 21.13 -3.69 4.92
CA MET A 217 22.58 -3.87 5.03
C MET A 217 23.23 -4.30 3.71
N LYS A 218 22.56 -5.19 2.98
CA LYS A 218 22.98 -5.58 1.64
C LYS A 218 22.98 -4.39 0.72
N PHE A 219 21.91 -3.59 0.78
CA PHE A 219 21.74 -2.37 -0.01
C PHE A 219 22.89 -1.37 0.21
N ALA A 220 23.19 -1.11 1.48
CA ALA A 220 24.29 -0.24 1.89
C ALA A 220 25.66 -0.72 1.43
N ASN A 221 25.94 -2.01 1.68
CA ASN A 221 27.20 -2.64 1.30
C ASN A 221 27.47 -2.63 -0.20
N ARG A 222 26.43 -2.81 -1.01
N ARG A 222 26.42 -2.83 -0.99
CA ARG A 222 26.57 -2.77 -2.46
CA ARG A 222 26.49 -2.75 -2.45
C ARG A 222 26.77 -1.34 -3.00
C ARG A 222 26.86 -1.34 -2.91
N ALA A 223 26.26 -0.34 -2.27
CA ALA A 223 26.49 1.08 -2.56
C ALA A 223 27.92 1.51 -2.20
N ILE A 224 28.39 1.06 -1.04
CA ILE A 224 29.79 1.27 -0.62
C ILE A 224 30.74 0.67 -1.66
N GLN A 225 30.53 -0.61 -1.98
CA GLN A 225 31.34 -1.29 -3.01
C GLN A 225 31.37 -0.53 -4.34
N ALA A 226 30.20 -0.11 -4.82
CA ALA A 226 30.12 0.56 -6.11
C ALA A 226 30.80 1.93 -6.07
N ALA A 227 30.67 2.63 -4.93
CA ALA A 227 31.41 3.89 -4.69
C ALA A 227 32.92 3.67 -4.77
N GLU A 228 33.41 2.65 -4.07
CA GLU A 228 34.84 2.33 -4.10
C GLU A 228 35.33 1.84 -5.46
N ASN A 229 34.48 1.15 -6.22
CA ASN A 229 34.86 0.69 -7.56
C ASN A 229 35.01 1.86 -8.54
N SER A 230 34.43 3.00 -8.19
CA SER A 230 34.49 4.16 -9.06
C SER A 230 35.64 5.13 -8.72
N ARG A 231 36.41 4.83 -7.67
CA ARG A 231 37.36 5.80 -7.06
C ARG A 231 38.41 6.48 -7.95
N SER A 232 38.71 5.93 -9.14
CA SER A 232 39.80 6.52 -9.94
C SER A 232 39.57 6.61 -11.45
N ASP A 233 39.12 7.75 -12.00
CA ASP A 233 38.34 8.85 -11.38
C ASP A 233 38.47 9.14 -9.87
N GLN A 236 40.51 12.45 -5.85
CA GLN A 236 39.98 12.26 -4.51
C GLN A 236 38.51 12.61 -4.42
N PHE A 237 37.76 11.83 -3.63
CA PHE A 237 36.36 12.12 -3.37
C PHE A 237 36.19 13.37 -2.49
N SER A 238 35.04 14.02 -2.64
CA SER A 238 34.70 15.22 -1.84
C SER A 238 34.56 14.90 -0.35
N GLU A 239 34.61 15.93 0.49
CA GLU A 239 34.46 15.75 1.92
C GLU A 239 33.10 15.13 2.25
N ASN A 240 32.06 15.60 1.57
CA ASN A 240 30.70 15.08 1.77
C ASN A 240 30.54 13.62 1.38
N THR A 241 31.18 13.21 0.29
CA THR A 241 31.19 11.81 -0.12
C THR A 241 31.81 10.90 0.96
N GLU A 242 32.99 11.30 1.46
CA GLU A 242 33.70 10.51 2.47
C GLU A 242 32.90 10.45 3.77
N LYS A 243 32.24 11.56 4.10
CA LYS A 243 31.40 11.63 5.29
C LYS A 243 30.25 10.64 5.18
N LEU A 244 29.63 10.57 4.00
CA LEU A 244 28.49 9.70 3.77
C LEU A 244 28.90 8.23 3.76
N LEU A 245 30.07 7.95 3.17
CA LEU A 245 30.59 6.59 3.11
C LEU A 245 30.90 6.06 4.51
N LYS A 246 31.39 6.94 5.38
CA LYS A 246 31.68 6.58 6.76
C LYS A 246 30.41 6.26 7.53
N ILE A 247 29.35 7.03 7.32
CA ILE A 247 28.07 6.74 7.95
C ILE A 247 27.56 5.39 7.46
N LEU A 248 27.63 5.17 6.13
CA LEU A 248 27.23 3.89 5.56
C LEU A 248 27.98 2.73 6.20
N ARG A 249 29.30 2.85 6.29
CA ARG A 249 30.12 1.80 6.87
CA ARG A 249 30.15 1.82 6.89
C ARG A 249 29.86 1.64 8.36
N ASP A 250 29.66 2.76 9.05
CA ASP A 250 29.40 2.73 10.49
C ASP A 250 28.06 2.07 10.81
N ASN A 251 27.02 2.40 10.05
CA ASN A 251 25.71 1.76 10.19
C ASN A 251 25.87 0.25 9.96
N VAL A 252 26.49 -0.13 8.84
CA VAL A 252 26.75 -1.54 8.54
C VAL A 252 27.48 -2.23 9.69
N SER A 253 28.55 -1.61 10.20
CA SER A 253 29.28 -2.14 11.36
C SER A 253 28.35 -2.53 12.52
N GLN A 254 27.34 -1.70 12.80
CA GLN A 254 26.42 -1.94 13.93
C GLN A 254 25.44 -3.09 13.61
N TRP A 255 24.90 -3.04 12.39
CA TRP A 255 23.94 -4.01 11.89
C TRP A 255 24.51 -5.42 11.76
N GLU A 256 25.81 -5.51 11.42
CA GLU A 256 26.53 -6.79 11.34
C GLU A 256 26.57 -7.48 12.67
N GLN A 257 26.32 -6.70 13.73
CA GLN A 257 26.46 -7.17 15.10
C GLN A 257 25.09 -7.46 15.69
N GLY A 258 24.06 -7.39 14.85
CA GLY A 258 22.69 -7.71 15.25
C GLY A 258 21.93 -6.58 15.94
N CYS A 259 22.37 -5.34 15.72
CA CYS A 259 21.84 -4.18 16.43
C CYS A 259 21.43 -3.08 15.46
N SER A 260 20.23 -2.51 15.65
CA SER A 260 19.76 -1.37 14.86
C SER A 260 20.75 -0.20 14.86
N GLY A 261 21.35 0.04 16.01
CA GLY A 261 22.33 1.12 16.16
C GLY A 261 21.70 2.50 16.10
N LEU A 262 22.51 3.48 15.71
CA LEU A 262 22.09 4.88 15.68
C LEU A 262 21.20 5.17 14.50
N LEU A 263 21.29 4.33 13.46
CA LEU A 263 20.59 4.53 12.20
C LEU A 263 20.80 5.98 11.73
N THR A 264 22.07 6.39 11.68
CA THR A 264 22.44 7.73 11.30
C THR A 264 22.02 7.93 9.84
N SEP A 265 21.36 9.05 9.57
CA SEP A 265 20.95 9.38 8.22
CB SEP A 265 19.46 9.77 8.21
OG SEP A 265 19.24 10.86 9.07
C SEP A 265 21.83 10.51 7.69
O SEP A 265 22.79 10.91 8.36
P SEP A 265 17.67 11.12 9.42
O1P SEP A 265 16.95 9.77 9.98
O2P SEP A 265 17.62 12.24 10.59
O3P SEP A 265 16.94 11.61 8.04
N ALA A 266 21.51 10.99 6.48
CA ALA A 266 22.27 12.05 5.82
C ALA A 266 22.14 13.41 6.52
N PHE A 267 23.24 14.15 6.55
CA PHE A 267 23.31 15.48 7.15
C PHE A 267 22.69 16.54 6.24
N PHE A 268 22.11 16.10 5.12
CA PHE A 268 21.28 16.99 4.26
C PHE A 268 20.15 16.25 3.53
N SER B 30 -11.88 9.60 20.05
CA SER B 30 -13.01 9.72 19.07
C SER B 30 -13.15 11.16 18.55
N GLU B 31 -12.02 11.82 18.36
CA GLU B 31 -11.99 13.18 17.85
C GLU B 31 -11.74 13.18 16.33
N GLY B 32 -12.83 13.12 15.57
CA GLY B 32 -12.81 13.37 14.14
C GLY B 32 -12.76 14.87 13.92
N ALA B 33 -13.01 15.60 15.00
CA ALA B 33 -12.81 17.05 15.07
C ALA B 33 -11.31 17.40 15.06
N TYR B 34 -10.52 16.56 15.71
CA TYR B 34 -9.04 16.69 15.78
C TYR B 34 -8.38 16.65 14.41
N ARG B 35 -8.74 15.63 13.61
CA ARG B 35 -8.24 15.48 12.24
C ARG B 35 -8.74 16.61 11.35
N ALA B 36 -9.91 17.16 11.68
CA ALA B 36 -10.44 18.34 11.03
C ALA B 36 -9.73 19.63 11.49
N LYS B 37 -9.32 19.68 12.76
CA LYS B 37 -8.66 20.87 13.35
C LYS B 37 -7.26 21.12 12.77
N LEU B 38 -6.43 20.08 12.72
CA LEU B 38 -5.10 20.27 12.16
C LEU B 38 -5.12 20.32 10.62
N ALA B 39 -6.18 19.78 10.00
CA ALA B 39 -6.39 19.97 8.57
C ALA B 39 -6.69 21.45 8.28
N ASP B 40 -7.30 22.14 9.24
CA ASP B 40 -7.50 23.59 9.15
C ASP B 40 -6.20 24.34 9.42
N MET B 41 -5.37 23.79 10.28
CA MET B 41 -4.06 24.36 10.53
C MET B 41 -3.20 24.25 9.26
N VAL B 42 -3.31 23.10 8.59
CA VAL B 42 -2.68 22.82 7.29
C VAL B 42 -3.18 23.77 6.18
N GLY B 43 -4.49 23.97 6.08
CA GLY B 43 -5.06 24.95 5.16
C GLY B 43 -4.58 26.36 5.45
N ASN B 44 -4.46 26.71 6.73
CA ASN B 44 -3.91 28.00 7.11
C ASN B 44 -2.48 28.28 6.61
N TYR B 45 -1.56 27.32 6.77
CA TYR B 45 -0.19 27.42 6.28
C TYR B 45 -0.22 27.63 4.79
N LYS B 46 -0.94 26.75 4.08
CA LYS B 46 -1.09 26.93 2.65
C LYS B 46 -1.49 28.36 2.30
N ASP B 47 -2.53 28.87 2.95
CA ASP B 47 -3.03 30.19 2.64
C ASP B 47 -2.02 31.32 2.87
N VAL B 48 -1.23 31.23 3.95
CA VAL B 48 -0.16 32.18 4.21
C VAL B 48 0.80 32.23 3.00
N ILE B 49 1.29 31.07 2.58
CA ILE B 49 2.24 31.02 1.47
C ILE B 49 1.64 31.46 0.14
N LYS B 50 0.41 31.03 -0.15
CA LYS B 50 -0.30 31.47 -1.35
C LYS B 50 -0.39 32.99 -1.43
N VAL B 51 -0.92 33.61 -0.38
CA VAL B 51 -1.06 35.06 -0.31
C VAL B 51 0.29 35.78 -0.47
N LEU B 52 1.28 35.42 0.34
CA LEU B 52 2.58 36.13 0.31
C LEU B 52 3.28 36.05 -1.05
N THR B 53 2.92 35.03 -1.81
CA THR B 53 3.69 34.54 -2.91
C THR B 53 2.94 34.80 -4.24
N GLU B 54 1.60 34.82 -4.19
CA GLU B 54 0.78 35.03 -5.38
C GLU B 54 0.08 36.39 -5.40
N SER B 55 0.11 37.11 -4.28
CA SER B 55 -0.54 38.43 -4.23
C SER B 55 0.39 39.58 -4.65
N SER B 56 1.69 39.31 -4.70
CA SER B 56 2.69 40.29 -5.13
C SER B 56 2.48 40.69 -6.58
N ASP B 57 3.02 41.84 -6.96
CA ASP B 57 2.94 42.31 -8.35
C ASP B 57 4.12 41.85 -9.21
N PHE B 58 5.11 41.22 -8.58
CA PHE B 58 6.38 40.90 -9.24
C PHE B 58 6.64 39.38 -9.38
N SER B 62 8.02 35.63 -5.11
CA SER B 62 9.49 35.71 -5.05
C SER B 62 9.98 34.68 -4.05
N LEU B 63 11.26 34.31 -4.16
CA LEU B 63 11.84 33.37 -3.20
C LEU B 63 11.96 33.95 -1.79
N ILE B 64 12.16 35.26 -1.69
CA ILE B 64 12.24 35.88 -0.36
C ILE B 64 10.87 35.85 0.35
N LEU B 65 9.81 35.99 -0.44
CA LEU B 65 8.46 36.09 0.06
C LEU B 65 7.95 34.71 0.45
N LEU B 66 8.40 33.70 -0.31
CA LEU B 66 8.21 32.28 0.03
C LEU B 66 8.90 31.95 1.35
N LEU B 67 10.13 32.44 1.52
CA LEU B 67 10.85 32.26 2.76
C LEU B 67 10.13 32.94 3.94
N ALA B 68 9.65 34.16 3.74
CA ALA B 68 8.90 34.87 4.77
C ALA B 68 7.70 34.05 5.24
N GLY B 69 6.92 33.53 4.30
CA GLY B 69 5.80 32.64 4.57
C GLY B 69 6.23 31.35 5.25
N SER B 70 7.24 30.70 4.68
CA SER B 70 7.81 29.50 5.26
C SER B 70 8.24 29.73 6.72
N LEU B 71 8.81 30.90 7.01
CA LEU B 71 9.27 31.21 8.36
C LEU B 71 8.13 31.53 9.33
N ARG B 72 7.07 32.13 8.82
CA ARG B 72 5.85 32.43 9.60
C ARG B 72 5.29 31.10 10.08
N ASN B 73 5.27 30.13 9.17
CA ASN B 73 4.67 28.82 9.39
C ASN B 73 5.54 28.04 10.36
N ARG B 74 6.84 28.02 10.12
CA ARG B 74 7.78 27.48 11.09
C ARG B 74 7.58 27.99 12.52
N VAL B 75 7.50 29.31 12.66
CA VAL B 75 7.37 29.99 13.97
C VAL B 75 6.05 29.61 14.69
N THR B 76 5.00 29.46 13.91
CA THR B 76 3.71 28.93 14.38
C THR B 76 3.88 27.47 14.84
N SER B 77 4.63 26.67 14.08
CA SER B 77 4.89 25.31 14.51
C SER B 77 5.78 25.24 15.75
N ILE B 78 6.79 26.11 15.86
CA ILE B 78 7.64 26.15 17.06
C ILE B 78 6.77 26.49 18.27
N ARG B 79 5.91 27.51 18.12
CA ARG B 79 4.97 27.88 19.17
C ARG B 79 4.01 26.73 19.54
N ASN B 80 3.52 25.99 18.55
CA ASN B 80 2.57 24.92 18.77
C ASN B 80 3.16 23.79 19.62
N SER B 81 4.43 23.46 19.36
CA SER B 81 5.12 22.37 20.05
C SER B 81 5.33 22.65 21.55
N LEU B 82 5.23 23.93 21.90
CA LEU B 82 5.47 24.36 23.27
C LEU B 82 4.22 24.56 24.10
N LYS B 83 3.04 24.33 23.54
CA LYS B 83 1.83 24.73 24.26
C LYS B 83 1.61 24.00 25.61
N SER B 84 1.83 22.70 25.67
CA SER B 84 1.75 21.97 26.96
C SER B 84 2.89 22.31 27.90
N ILE B 85 4.07 22.59 27.34
CA ILE B 85 5.20 23.03 28.16
C ILE B 85 4.80 24.32 28.90
N LYS B 86 4.12 25.22 28.18
CA LYS B 86 3.65 26.50 28.72
C LYS B 86 2.45 26.39 29.68
N SER B 87 1.40 25.70 29.25
CA SER B 87 0.16 25.62 30.03
C SER B 87 0.29 24.73 31.27
N GLN B 88 1.35 23.92 31.31
CA GLN B 88 1.60 23.02 32.44
C GLN B 88 2.90 23.37 33.15
N GLU B 89 3.34 24.62 32.97
CA GLU B 89 4.60 25.09 33.55
C GLU B 89 4.74 24.88 35.05
N GLU B 90 3.67 25.15 35.81
CA GLU B 90 3.74 24.97 37.27
C GLU B 90 3.88 23.50 37.68
N LYS B 91 3.14 22.60 37.02
CA LYS B 91 3.32 21.14 37.18
C LYS B 91 4.74 20.68 36.85
N LEU B 92 5.28 21.20 35.74
CA LEU B 92 6.64 20.87 35.32
C LEU B 92 7.75 21.38 36.27
N ARG B 93 7.64 22.62 36.74
CA ARG B 93 8.57 23.16 37.76
C ARG B 93 8.53 22.34 39.04
N LYS B 94 7.34 21.91 39.42
CA LYS B 94 7.10 21.08 40.62
C LYS B 94 7.88 19.76 40.56
N GLU B 95 7.90 19.16 39.36
CA GLU B 95 8.52 17.88 39.12
C GLU B 95 10.04 17.92 39.06
N LYS B 96 10.60 19.12 39.00
CA LYS B 96 12.05 19.34 38.83
C LYS B 96 12.87 18.94 40.06
N SER B 97 12.29 19.06 41.24
CA SER B 97 12.98 18.69 42.47
C SER B 97 13.43 17.24 42.42
N LEU B 98 12.48 16.36 42.13
CA LEU B 98 12.72 14.92 42.11
C LEU B 98 13.12 14.42 40.73
N ASN B 99 12.84 15.20 39.69
CA ASN B 99 13.18 14.81 38.33
C ASN B 99 13.97 15.88 37.60
N ASN B 100 15.10 16.25 38.18
CA ASN B 100 15.85 17.42 37.72
C ASN B 100 16.20 17.39 36.23
N GLU B 101 16.94 16.35 35.84
CA GLU B 101 17.55 16.25 34.53
C GLU B 101 16.54 16.26 33.40
N PHE B 102 15.43 15.55 33.58
CA PHE B 102 14.39 15.55 32.56
C PHE B 102 13.76 16.96 32.35
N ILE B 103 13.46 17.63 33.46
CA ILE B 103 12.79 18.92 33.44
C ILE B 103 13.71 20.03 32.89
N GLN B 104 15.02 19.86 33.15
CA GLN B 104 16.07 20.73 32.59
C GLN B 104 16.16 20.63 31.07
N VAL B 105 15.99 19.42 30.53
CA VAL B 105 16.02 19.23 29.07
C VAL B 105 14.84 19.97 28.48
N ILE B 106 13.68 19.86 29.14
CA ILE B 106 12.45 20.54 28.75
C ILE B 106 12.61 22.07 28.79
N GLU B 107 13.21 22.57 29.86
CA GLU B 107 13.52 24.00 30.03
C GLU B 107 14.47 24.51 28.95
N ASP B 108 15.50 23.72 28.63
CA ASP B 108 16.49 24.10 27.62
C ASP B 108 15.88 24.21 26.21
N ILE B 109 15.03 23.24 25.87
CA ILE B 109 14.28 23.23 24.59
C ILE B 109 13.34 24.44 24.48
N LYS B 110 12.66 24.76 25.59
CA LYS B 110 11.75 25.90 25.65
C LYS B 110 12.46 27.24 25.38
N ARG B 111 13.59 27.43 26.05
CA ARG B 111 14.47 28.61 25.92
C ARG B 111 14.97 28.76 24.48
N ASP B 112 15.50 27.67 23.92
CA ASP B 112 15.95 27.62 22.54
C ASP B 112 14.83 27.89 21.54
N PHE B 113 13.67 27.29 21.77
CA PHE B 113 12.54 27.38 20.83
C PHE B 113 11.98 28.79 20.86
N GLU B 114 11.92 29.37 22.04
CA GLU B 114 11.50 30.75 22.22
C GLU B 114 12.49 31.77 21.65
N GLU B 115 13.81 31.54 21.81
CA GLU B 115 14.85 32.35 21.15
C GLU B 115 14.57 32.37 19.64
N SER B 116 14.31 31.19 19.07
CA SER B 116 13.95 31.03 17.65
C SER B 116 12.69 31.77 17.20
N ILE B 117 11.60 31.67 17.96
CA ILE B 117 10.41 32.45 17.64
C ILE B 117 10.76 33.94 17.65
N LEU B 118 11.50 34.42 18.66
CA LEU B 118 11.90 35.85 18.74
C LEU B 118 12.73 36.31 17.55
N LEU B 119 13.78 35.56 17.23
CA LEU B 119 14.72 35.93 16.19
C LEU B 119 14.11 35.83 14.81
N GLU B 120 13.37 34.75 14.55
CA GLU B 120 12.83 34.48 13.22
C GLU B 120 11.57 35.27 12.93
N SER B 121 10.81 35.61 13.97
CA SER B 121 9.69 36.50 13.75
C SER B 121 10.18 37.93 13.38
N GLU B 122 11.29 38.39 13.94
CA GLU B 122 11.85 39.66 13.52
CA GLU B 122 11.94 39.64 13.53
C GLU B 122 12.31 39.57 12.05
N ASP B 123 12.87 38.41 11.64
CA ASP B 123 13.25 38.14 10.25
C ASP B 123 12.05 38.32 9.30
N VAL B 124 10.94 37.65 9.59
CA VAL B 124 9.72 37.75 8.78
C VAL B 124 9.22 39.21 8.64
N ILE B 125 9.10 39.90 9.78
CA ILE B 125 8.70 41.32 9.86
C ILE B 125 9.53 42.23 8.96
N ARG B 126 10.86 42.10 9.04
CA ARG B 126 11.75 42.83 8.15
C ARG B 126 11.48 42.54 6.67
N ILE B 127 11.24 41.28 6.32
CA ILE B 127 10.92 40.89 4.94
C ILE B 127 9.57 41.51 4.52
N ILE B 128 8.56 41.41 5.38
CA ILE B 128 7.26 42.03 5.10
C ILE B 128 7.41 43.54 4.87
N ASP B 129 8.09 44.23 5.77
CA ASP B 129 8.26 45.68 5.67
C ASP B 129 8.99 46.17 4.40
N ASP B 130 10.00 45.42 3.96
CA ASP B 130 10.75 45.75 2.74
CA ASP B 130 10.76 45.74 2.74
C ASP B 130 9.96 45.53 1.46
N ASN B 131 8.90 44.73 1.55
CA ASN B 131 8.12 44.32 0.37
C ASN B 131 6.64 44.71 0.41
N LEU B 132 6.22 45.28 1.52
CA LEU B 132 4.83 45.66 1.73
C LEU B 132 4.25 46.42 0.52
N LEU B 133 4.98 47.40 0.04
CA LEU B 133 4.50 48.28 -1.03
C LEU B 133 4.36 47.58 -2.39
N MET B 134 5.08 46.49 -2.57
CA MET B 134 5.03 45.72 -3.81
C MET B 134 3.77 44.84 -3.89
N TYR B 135 2.94 44.90 -2.84
CA TYR B 135 1.58 44.38 -2.91
C TYR B 135 0.61 45.52 -3.24
N SER B 136 0.16 45.60 -4.49
CA SER B 136 -0.75 46.70 -4.86
C SER B 136 -2.18 46.42 -4.37
N GLU B 137 -2.46 45.15 -4.11
CA GLU B 137 -3.77 44.74 -3.66
CA GLU B 137 -3.77 44.70 -3.64
C GLU B 137 -3.95 45.12 -2.19
N GLU B 138 -5.03 45.83 -1.90
CA GLU B 138 -5.25 46.37 -0.54
C GLU B 138 -5.49 45.29 0.53
N GLY B 139 -6.19 44.23 0.13
CA GLY B 139 -6.36 43.04 0.96
C GLY B 139 -5.05 42.39 1.37
N ALA B 140 -4.12 42.24 0.42
CA ALA B 140 -2.80 41.64 0.69
C ALA B 140 -1.93 42.44 1.67
N ARG B 141 -2.04 43.77 1.62
CA ARG B 141 -1.30 44.64 2.54
C ARG B 141 -1.84 44.48 3.94
N ALA B 142 -3.17 44.44 4.08
CA ALA B 142 -3.80 44.22 5.38
C ALA B 142 -3.42 42.83 5.91
N PHE B 143 -3.37 41.85 5.01
CA PHE B 143 -2.95 40.49 5.36
C PHE B 143 -1.56 40.48 6.03
N CYS B 144 -0.58 41.14 5.42
CA CYS B 144 0.78 41.24 5.98
C CYS B 144 0.86 41.96 7.33
N ILE B 145 0.04 43.00 7.51
CA ILE B 145 0.03 43.79 8.74
C ILE B 145 -0.63 43.01 9.90
N LYS B 146 -1.70 42.27 9.60
CA LYS B 146 -2.28 41.35 10.60
C LYS B 146 -1.22 40.32 11.04
N LEU B 147 -0.48 39.79 10.07
CA LEU B 147 0.58 38.83 10.27
C LEU B 147 1.67 39.37 11.21
N LYS B 148 2.07 40.62 11.01
CA LYS B 148 2.98 41.30 11.94
C LYS B 148 2.36 41.42 13.33
N GLY B 149 1.05 41.67 13.38
CA GLY B 149 0.27 41.67 14.62
C GLY B 149 0.36 40.35 15.35
N ASP B 150 0.12 39.25 14.62
CA ASP B 150 0.31 37.89 15.14
C ASP B 150 1.72 37.63 15.68
N LEU B 151 2.74 37.97 14.90
CA LEU B 151 4.13 37.81 15.31
C LEU B 151 4.53 38.65 16.53
N MET B 152 4.02 39.87 16.62
CA MET B 152 4.18 40.65 17.84
C MET B 152 3.53 39.99 19.08
N ARG B 153 2.33 39.44 18.87
CA ARG B 153 1.59 38.68 19.91
C ARG B 153 2.41 37.49 20.39
N TYR B 154 3.09 36.82 19.45
CA TYR B 154 3.97 35.70 19.80
C TYR B 154 5.14 36.14 20.66
N LYS B 155 5.74 37.29 20.35
CA LYS B 155 6.92 37.79 21.08
C LYS B 155 6.47 38.14 22.50
N ALA B 156 5.29 38.75 22.58
CA ALA B 156 4.63 39.14 23.82
C ALA B 156 4.36 37.98 24.77
N GLU B 157 4.15 36.77 24.23
CA GLU B 157 3.96 35.55 25.03
C GLU B 157 5.27 35.06 25.63
N ILE B 158 6.37 35.49 25.02
CA ILE B 158 7.72 35.07 25.42
C ILE B 158 8.37 36.12 26.34
N LEU B 159 8.29 37.37 25.95
CA LEU B 159 8.96 38.48 26.63
C LEU B 159 8.33 38.86 27.97
N LYS B 160 9.06 39.62 28.78
CA LYS B 160 8.61 39.96 30.12
C LYS B 160 8.49 41.48 30.32
N ASP B 161 7.69 41.88 31.31
CA ASP B 161 7.59 43.25 31.79
C ASP B 161 7.29 44.27 30.72
N GLU B 162 8.22 45.19 30.50
CA GLU B 162 8.00 46.30 29.59
C GLU B 162 8.18 45.85 28.14
N GLU B 163 9.20 45.04 27.88
CA GLU B 163 9.48 44.51 26.56
C GLU B 163 8.24 43.74 26.05
N LYS B 164 7.57 43.03 26.96
CA LYS B 164 6.28 42.40 26.69
C LYS B 164 5.21 43.45 26.38
N ASN B 165 5.06 44.44 27.27
CA ASN B 165 4.07 45.49 27.07
C ASN B 165 4.24 46.26 25.77
N GLN B 166 5.49 46.48 25.37
CA GLN B 166 5.77 47.15 24.09
C GLN B 166 5.35 46.27 22.93
N CYS B 167 5.56 44.96 23.02
CA CYS B 167 5.10 44.05 21.95
C CYS B 167 3.58 43.99 21.89
N ILE B 168 2.92 44.02 23.05
CA ILE B 168 1.46 44.06 23.07
C ILE B 168 0.96 45.35 22.42
N LYS B 169 1.60 46.47 22.78
CA LYS B 169 1.26 47.75 22.16
C LYS B 169 1.45 47.74 20.64
N GLN B 170 2.58 47.20 20.15
CA GLN B 170 2.82 47.08 18.69
C GLN B 170 1.82 46.16 18.01
N ALA B 171 1.38 45.09 18.71
CA ALA B 171 0.35 44.18 18.18
C ALA B 171 -1.01 44.85 18.04
N VAL B 172 -1.40 45.62 19.07
CA VAL B 172 -2.59 46.47 19.01
C VAL B 172 -2.58 47.38 17.75
N GLU B 173 -1.53 48.19 17.60
CA GLU B 173 -1.33 49.02 16.42
C GLU B 173 -1.59 48.27 15.10
N PHE B 174 -0.92 47.12 14.93
CA PHE B 174 -0.99 46.33 13.68
C PHE B 174 -2.38 45.80 13.39
N TYR B 175 -3.05 45.28 14.42
CA TYR B 175 -4.42 44.79 14.31
C TYR B 175 -5.38 45.91 13.95
N GLU B 176 -5.25 47.06 14.60
CA GLU B 176 -6.14 48.17 14.33
C GLU B 176 -5.90 48.75 12.93
N ASP B 177 -4.64 48.75 12.50
CA ASP B 177 -4.26 49.22 11.16
C ASP B 177 -4.83 48.31 10.07
N ALA B 178 -4.62 47.01 10.24
CA ALA B 178 -5.17 45.98 9.35
C ALA B 178 -6.71 46.03 9.31
N LEU B 179 -7.35 46.09 10.47
CA LEU B 179 -8.81 46.27 10.55
C LEU B 179 -9.33 47.52 9.82
N GLN B 180 -8.66 48.66 10.01
CA GLN B 180 -9.04 49.89 9.33
C GLN B 180 -8.89 49.76 7.79
N ARG B 181 -7.81 49.13 7.34
CA ARG B 181 -7.63 48.87 5.92
C ARG B 181 -8.71 47.92 5.37
N GLU B 182 -9.03 46.87 6.13
CA GLU B 182 -10.15 45.98 5.77
C GLU B 182 -11.50 46.70 5.67
N ARG B 183 -11.80 47.56 6.65
CA ARG B 183 -13.00 48.42 6.65
C ARG B 183 -13.10 49.33 5.42
N SER B 184 -11.96 49.89 5.02
CA SER B 184 -11.86 50.81 3.90
C SER B 184 -11.99 50.15 2.53
N PHE B 185 -11.36 48.98 2.38
CA PHE B 185 -11.08 48.44 1.06
C PHE B 185 -11.82 47.17 0.68
N LEU B 186 -12.35 46.46 1.68
CA LEU B 186 -12.98 45.18 1.43
C LEU B 186 -14.48 45.29 1.26
N GLU B 187 -14.94 44.63 0.20
CA GLU B 187 -16.34 44.48 -0.13
C GLU B 187 -17.04 43.70 0.98
N LYS B 188 -18.15 44.24 1.47
CA LYS B 188 -18.92 43.62 2.55
C LYS B 188 -17.98 43.15 3.66
N TYR B 189 -17.21 44.08 4.22
CA TYR B 189 -16.15 43.77 5.18
C TYR B 189 -16.60 43.05 6.45
N PRO B 190 -17.80 43.37 7.00
CA PRO B 190 -18.12 42.77 8.30
C PRO B 190 -18.18 41.24 8.27
N SER B 191 -18.51 40.66 7.12
CA SER B 191 -18.54 39.21 6.94
C SER B 191 -17.39 38.67 6.05
N ASP B 192 -16.35 39.47 5.85
CA ASP B 192 -15.18 39.05 5.08
C ASP B 192 -14.25 38.21 5.96
N PRO B 193 -13.77 37.05 5.43
CA PRO B 193 -12.97 36.11 6.24
C PRO B 193 -11.62 36.62 6.71
N LEU B 194 -10.98 37.50 5.93
CA LEU B 194 -9.77 38.15 6.36
C LEU B 194 -10.10 39.14 7.48
N TYR B 195 -11.17 39.92 7.27
CA TYR B 195 -11.64 40.81 8.33
C TYR B 195 -11.93 40.06 9.64
N LEU B 196 -12.64 38.95 9.54
CA LEU B 196 -13.00 38.15 10.72
C LEU B 196 -11.81 37.44 11.35
N ALA B 197 -10.84 37.02 10.53
CA ALA B 197 -9.62 36.41 11.04
C ALA B 197 -8.85 37.44 11.85
N THR B 198 -8.95 38.69 11.41
CA THR B 198 -8.27 39.78 12.08
C THR B 198 -8.93 40.12 13.42
N ILE B 199 -10.26 40.20 13.40
CA ILE B 199 -11.07 40.33 14.62
C ILE B 199 -10.71 39.25 15.64
N LEU B 200 -10.62 38.01 15.17
CA LEU B 200 -10.38 36.85 16.04
C LEU B 200 -9.02 36.90 16.74
N ASN B 201 -7.97 37.22 15.99
CA ASN B 201 -6.64 37.34 16.57
C ASN B 201 -6.50 38.52 17.55
N TYR B 202 -7.16 39.64 17.22
CA TYR B 202 -7.23 40.80 18.12
C TYR B 202 -8.01 40.45 19.37
N THR B 203 -9.12 39.72 19.20
CA THR B 203 -9.90 39.19 20.32
C THR B 203 -9.03 38.31 21.22
N ILE B 204 -8.18 37.46 20.62
CA ILE B 204 -7.24 36.62 21.37
C ILE B 204 -6.23 37.45 22.18
N LEU B 205 -5.70 38.52 21.56
CA LEU B 205 -4.80 39.44 22.23
C LEU B 205 -5.46 40.10 23.44
N LYS B 206 -6.70 40.53 23.27
CA LYS B 206 -7.48 41.16 24.32
C LYS B 206 -7.78 40.20 25.48
N TYR B 207 -8.21 38.99 25.12
CA TYR B 207 -8.55 37.98 26.10
C TYR B 207 -7.32 37.58 26.91
N ASP B 208 -6.28 37.11 26.24
CA ASP B 208 -5.13 36.57 26.95
C ASP B 208 -4.17 37.68 27.40
N LEU B 209 -3.32 38.15 26.50
CA LEU B 209 -2.26 39.11 26.80
C LEU B 209 -2.68 40.41 27.48
N LEU B 210 -3.81 40.97 27.06
CA LEU B 210 -4.30 42.23 27.62
C LEU B 210 -5.07 42.01 28.94
N GLY B 211 -5.35 40.74 29.24
CA GLY B 211 -6.03 40.35 30.48
C GLY B 211 -7.42 40.96 30.61
N ASN B 212 -8.14 41.06 29.49
CA ASN B 212 -9.47 41.68 29.46
C ASN B 212 -10.49 40.78 28.75
N PRO B 213 -10.88 39.66 29.41
CA PRO B 213 -11.72 38.66 28.73
C PRO B 213 -13.13 39.16 28.39
N GLU B 214 -13.65 40.08 29.20
CA GLU B 214 -14.97 40.67 29.00
C GLU B 214 -14.94 41.64 27.82
N GLY B 215 -13.92 42.52 27.80
CA GLY B 215 -13.70 43.42 26.68
C GLY B 215 -13.53 42.64 25.39
N ALA B 216 -12.83 41.51 25.49
CA ALA B 216 -12.63 40.57 24.37
C ALA B 216 -13.96 40.01 23.84
N MET B 217 -14.82 39.57 24.75
CA MET B 217 -16.08 38.96 24.35
C MET B 217 -17.10 39.94 23.81
N LYS B 218 -17.15 41.14 24.38
CA LYS B 218 -17.95 42.23 23.81
C LYS B 218 -17.47 42.58 22.39
N PHE B 219 -16.16 42.61 22.21
CA PHE B 219 -15.54 42.89 20.92
C PHE B 219 -15.96 41.85 19.89
N ALA B 220 -15.89 40.58 20.29
CA ALA B 220 -16.30 39.45 19.46
C ALA B 220 -17.81 39.45 19.17
N ASN B 221 -18.63 39.68 20.21
CA ASN B 221 -20.08 39.82 20.07
C ASN B 221 -20.44 40.89 19.05
N ARG B 222 -19.85 42.07 19.21
CA ARG B 222 -20.05 43.19 18.29
C ARG B 222 -19.86 42.84 16.82
N ALA B 223 -18.78 42.10 16.54
CA ALA B 223 -18.42 41.67 15.19
C ALA B 223 -19.30 40.55 14.66
N ILE B 224 -19.82 39.72 15.57
CA ILE B 224 -20.78 38.67 15.20
C ILE B 224 -22.09 39.32 14.70
N GLN B 225 -22.55 40.32 15.45
CA GLN B 225 -23.79 41.03 15.12
CA GLN B 225 -23.79 41.03 15.12
C GLN B 225 -23.63 41.92 13.89
N ALA B 226 -22.44 42.47 13.69
CA ALA B 226 -22.16 43.28 12.51
C ALA B 226 -22.14 42.42 11.25
N ALA B 227 -21.58 41.20 11.38
CA ALA B 227 -21.50 40.25 10.27
C ALA B 227 -22.86 39.72 9.87
N GLU B 228 -23.67 39.39 10.87
CA GLU B 228 -25.01 38.86 10.69
C GLU B 228 -25.94 39.90 10.05
N ASN B 229 -25.77 41.16 10.44
CA ASN B 229 -26.50 42.27 9.83
C ASN B 229 -25.92 42.68 8.46
N SER B 230 -24.98 41.90 7.96
CA SER B 230 -24.58 41.87 6.55
C SER B 230 -25.27 40.66 5.93
N ARG B 231 -25.55 40.71 4.63
CA ARG B 231 -26.52 39.78 4.02
C ARG B 231 -27.92 40.25 4.34
N ASP B 233 -29.48 39.34 1.73
CA ASP B 233 -30.74 38.59 1.76
C ASP B 233 -30.63 37.46 2.78
N SER B 234 -30.90 36.23 2.32
CA SER B 234 -30.52 35.02 3.03
C SER B 234 -29.30 34.46 2.31
N GLU B 235 -28.48 35.40 1.84
CA GLU B 235 -27.23 35.15 1.13
C GLU B 235 -26.32 34.24 1.95
N GLN B 236 -25.59 33.37 1.25
CA GLN B 236 -24.61 32.50 1.89
C GLN B 236 -23.25 33.19 2.01
N PHE B 237 -22.70 33.18 3.22
CA PHE B 237 -21.35 33.63 3.47
C PHE B 237 -20.36 32.55 3.05
N SER B 238 -19.09 32.94 2.89
CA SER B 238 -18.04 31.98 2.54
C SER B 238 -17.92 30.96 3.66
N GLU B 239 -17.40 29.79 3.31
CA GLU B 239 -17.16 28.73 4.27
C GLU B 239 -16.21 29.21 5.39
N ASN B 240 -15.19 29.96 5.00
CA ASN B 240 -14.24 30.49 5.98
C ASN B 240 -14.83 31.55 6.90
N THR B 241 -15.78 32.34 6.39
CA THR B 241 -16.57 33.24 7.24
C THR B 241 -17.36 32.44 8.25
N GLU B 242 -18.12 31.45 7.78
CA GLU B 242 -18.94 30.63 8.67
C GLU B 242 -18.09 29.86 9.70
N LYS B 243 -16.92 29.38 9.30
CA LYS B 243 -15.96 28.80 10.26
C LYS B 243 -15.50 29.78 11.34
N LEU B 244 -15.20 31.02 10.94
CA LEU B 244 -14.69 32.02 11.88
C LEU B 244 -15.79 32.57 12.77
N LEU B 245 -17.00 32.71 12.23
CA LEU B 245 -18.14 33.13 13.04
C LEU B 245 -18.49 32.08 14.08
N LYS B 246 -18.35 30.81 13.71
CA LYS B 246 -18.57 29.72 14.64
C LYS B 246 -17.57 29.79 15.80
N ILE B 247 -16.29 29.93 15.47
CA ILE B 247 -15.22 30.03 16.48
C ILE B 247 -15.46 31.21 17.43
N LEU B 248 -15.86 32.35 16.86
CA LEU B 248 -16.16 33.54 17.65
C LEU B 248 -17.35 33.33 18.59
N ARG B 249 -18.40 32.69 18.06
CA ARG B 249 -19.59 32.36 18.85
C ARG B 249 -19.30 31.35 19.96
N ASP B 250 -18.56 30.28 19.63
CA ASP B 250 -18.17 29.27 20.59
C ASP B 250 -17.39 29.85 21.75
N ASN B 251 -16.53 30.81 21.45
CA ASN B 251 -15.69 31.42 22.48
C ASN B 251 -16.45 32.36 23.41
N VAL B 252 -17.38 33.13 22.87
CA VAL B 252 -18.23 34.01 23.70
C VAL B 252 -19.11 33.19 24.64
N SER B 253 -19.68 32.09 24.13
CA SER B 253 -20.61 31.26 24.91
C SER B 253 -19.91 30.55 26.08
N GLN B 254 -18.72 29.99 25.82
CA GLN B 254 -17.89 29.39 26.88
C GLN B 254 -17.57 30.40 27.99
N TRP B 255 -17.33 31.65 27.61
CA TRP B 255 -17.13 32.75 28.55
C TRP B 255 -18.45 33.13 29.27
N GLU B 256 -19.52 33.22 28.51
CA GLU B 256 -20.86 33.53 29.04
C GLU B 256 -21.38 32.43 29.98
N GLN B 257 -20.96 31.20 29.73
CA GLN B 257 -21.30 30.05 30.59
C GLN B 257 -20.09 29.69 31.45
N GLY B 258 -19.86 30.50 32.48
CA GLY B 258 -18.70 30.33 33.37
C GLY B 258 -17.83 31.56 33.41
N TYR C 45 -15.27 -10.26 -11.63
CA TYR C 45 -13.99 -10.70 -12.26
C TYR C 45 -12.87 -9.64 -12.14
N LYS C 46 -12.80 -8.71 -13.10
CA LYS C 46 -11.91 -7.56 -13.03
C LYS C 46 -12.45 -6.56 -12.01
N ASP C 47 -13.69 -6.80 -11.57
CA ASP C 47 -14.34 -6.05 -10.50
C ASP C 47 -13.85 -6.50 -9.13
N VAL C 48 -13.50 -7.79 -9.02
CA VAL C 48 -12.94 -8.33 -7.78
C VAL C 48 -11.66 -7.57 -7.41
N ILE C 49 -10.80 -7.35 -8.40
CA ILE C 49 -9.57 -6.58 -8.24
C ILE C 49 -9.84 -5.16 -7.74
N LYS C 50 -10.71 -4.42 -8.44
CA LYS C 50 -10.98 -3.02 -8.12
C LYS C 50 -11.54 -2.85 -6.71
N VAL C 51 -12.31 -3.84 -6.25
CA VAL C 51 -12.88 -3.84 -4.91
C VAL C 51 -11.78 -4.02 -3.86
N LEU C 52 -10.78 -4.83 -4.19
CA LEU C 52 -9.67 -5.14 -3.30
C LEU C 52 -8.51 -4.14 -3.39
N THR C 53 -8.50 -3.31 -4.44
CA THR C 53 -7.51 -2.22 -4.55
C THR C 53 -8.08 -0.89 -4.03
N GLU C 54 -9.29 -0.94 -3.48
CA GLU C 54 -9.98 0.23 -2.95
C GLU C 54 -10.64 -0.09 -1.61
N ASN C 61 -12.99 -7.73 5.82
CA ASN C 61 -14.44 -7.67 5.66
C ASN C 61 -14.95 -8.86 4.84
N SER C 62 -16.03 -8.63 4.08
CA SER C 62 -16.56 -9.62 3.13
C SER C 62 -15.65 -9.77 1.90
N LEU C 63 -14.44 -9.22 2.01
CA LEU C 63 -13.41 -9.37 0.98
C LEU C 63 -12.97 -10.82 0.90
N ILE C 64 -12.91 -11.45 2.07
CA ILE C 64 -12.56 -12.86 2.20
C ILE C 64 -13.57 -13.74 1.47
N LEU C 65 -14.85 -13.44 1.66
CA LEU C 65 -15.93 -14.12 0.95
C LEU C 65 -15.88 -13.87 -0.55
N LEU C 66 -15.48 -12.65 -0.93
CA LEU C 66 -15.37 -12.29 -2.34
C LEU C 66 -14.19 -13.02 -2.96
N LEU C 67 -13.08 -13.08 -2.21
CA LEU C 67 -11.92 -13.85 -2.64
C LEU C 67 -12.25 -15.35 -2.69
N ALA C 68 -12.87 -15.86 -1.63
CA ALA C 68 -13.28 -17.26 -1.56
C ALA C 68 -14.18 -17.66 -2.73
N GLY C 69 -15.10 -16.77 -3.10
CA GLY C 69 -15.95 -16.96 -4.26
C GLY C 69 -15.15 -17.13 -5.55
N SER C 70 -14.12 -16.30 -5.72
CA SER C 70 -13.25 -16.35 -6.90
C SER C 70 -12.42 -17.64 -6.90
N LEU C 71 -12.12 -18.16 -5.72
CA LEU C 71 -11.41 -19.42 -5.57
C LEU C 71 -12.30 -20.60 -5.95
N ARG C 72 -13.56 -20.59 -5.52
CA ARG C 72 -14.53 -21.60 -5.94
C ARG C 72 -14.55 -21.66 -7.47
N ASN C 73 -14.62 -20.49 -8.09
CA ASN C 73 -14.71 -20.32 -9.54
C ASN C 73 -13.53 -20.90 -10.34
N ARG C 74 -12.33 -20.82 -9.77
CA ARG C 74 -11.16 -21.46 -10.36
C ARG C 74 -11.48 -22.95 -10.66
N VAL C 75 -12.09 -23.61 -9.69
CA VAL C 75 -12.36 -25.04 -9.86
C VAL C 75 -13.61 -25.28 -10.68
N THR C 76 -14.70 -24.58 -10.37
CA THR C 76 -15.97 -24.85 -11.03
C THR C 76 -15.97 -24.53 -12.52
N SER C 77 -15.20 -23.52 -12.93
CA SER C 77 -15.13 -23.15 -14.35
C SER C 77 -14.52 -24.27 -15.19
N ILE C 78 -13.36 -24.78 -14.79
CA ILE C 78 -12.70 -25.89 -15.51
C ILE C 78 -13.51 -27.19 -15.42
N ARG C 79 -14.09 -27.46 -14.25
CA ARG C 79 -14.99 -28.60 -14.06
C ARG C 79 -16.20 -28.54 -15.03
N ASN C 80 -16.80 -27.38 -15.19
CA ASN C 80 -17.97 -27.20 -16.07
C ASN C 80 -17.67 -27.43 -17.55
N SER C 81 -16.51 -26.97 -18.00
CA SER C 81 -16.05 -27.16 -19.37
C SER C 81 -15.74 -28.63 -19.69
N LEU C 82 -15.13 -29.34 -18.74
CA LEU C 82 -14.96 -30.78 -18.86
C LEU C 82 -16.29 -31.58 -18.89
N LYS C 83 -17.28 -31.16 -18.09
CA LYS C 83 -18.63 -31.70 -18.16
C LYS C 83 -19.18 -31.63 -19.57
N SER C 84 -18.91 -30.50 -20.23
CA SER C 84 -19.42 -30.25 -21.55
C SER C 84 -18.65 -31.08 -22.59
N ILE C 85 -17.34 -31.26 -22.39
CA ILE C 85 -16.54 -32.15 -23.26
C ILE C 85 -17.02 -33.60 -23.17
N LYS C 86 -17.36 -34.06 -21.96
CA LYS C 86 -17.79 -35.45 -21.72
C LYS C 86 -19.19 -35.73 -22.24
N SER C 87 -20.04 -34.73 -22.12
CA SER C 87 -21.40 -34.78 -22.62
C SER C 87 -21.41 -34.87 -24.15
N GLN C 88 -20.53 -34.09 -24.78
CA GLN C 88 -20.34 -34.14 -26.23
C GLN C 88 -19.71 -35.45 -26.65
N GLU C 89 -18.70 -35.91 -25.91
CA GLU C 89 -18.02 -37.16 -26.20
C GLU C 89 -18.98 -38.35 -26.20
N GLU C 90 -19.81 -38.47 -25.17
CA GLU C 90 -20.77 -39.55 -25.11
C GLU C 90 -21.82 -39.51 -26.24
N LYS C 91 -22.23 -38.30 -26.63
CA LYS C 91 -23.12 -38.14 -27.81
C LYS C 91 -22.36 -38.65 -29.03
N LEU C 92 -21.12 -38.18 -29.19
CA LEU C 92 -20.20 -38.62 -30.26
C LEU C 92 -19.97 -40.15 -30.33
N ARG C 93 -19.54 -40.76 -29.22
CA ARG C 93 -19.31 -42.23 -29.17
C ARG C 93 -20.59 -43.07 -29.43
N LYS C 94 -21.74 -42.51 -29.08
CA LYS C 94 -23.01 -43.18 -29.25
C LYS C 94 -23.32 -43.40 -30.74
N GLU C 95 -23.01 -42.40 -31.55
CA GLU C 95 -23.39 -42.37 -32.94
C GLU C 95 -22.30 -42.92 -33.85
N LYS C 96 -21.05 -42.75 -33.43
CA LYS C 96 -19.91 -42.90 -34.32
C LYS C 96 -18.80 -43.80 -33.77
N SER C 97 -18.17 -44.58 -34.66
CA SER C 97 -17.04 -45.44 -34.25
C SER C 97 -15.69 -44.71 -34.07
N LEU C 98 -15.43 -43.69 -34.87
CA LEU C 98 -14.20 -42.88 -34.80
C LEU C 98 -12.96 -43.70 -35.15
N ASN C 99 -11.81 -43.40 -34.55
CA ASN C 99 -10.57 -44.12 -34.82
C ASN C 99 -9.66 -44.08 -33.61
N ASN C 100 -8.78 -45.05 -33.49
CA ASN C 100 -7.96 -45.22 -32.29
C ASN C 100 -7.13 -44.01 -31.88
N GLU C 101 -6.62 -43.29 -32.87
CA GLU C 101 -5.85 -42.07 -32.63
C GLU C 101 -6.73 -40.94 -32.12
N PHE C 102 -7.90 -40.76 -32.71
CA PHE C 102 -8.87 -39.77 -32.25
C PHE C 102 -9.33 -40.09 -30.83
N ILE C 103 -9.74 -41.34 -30.59
CA ILE C 103 -10.13 -41.76 -29.24
C ILE C 103 -9.00 -41.44 -28.23
N GLN C 104 -7.73 -41.68 -28.59
CA GLN C 104 -6.63 -41.42 -27.67
C GLN C 104 -6.45 -39.92 -27.40
N VAL C 105 -6.63 -39.11 -28.43
CA VAL C 105 -6.61 -37.66 -28.29
C VAL C 105 -7.67 -37.18 -27.30
N ILE C 106 -8.91 -37.68 -27.42
CA ILE C 106 -9.99 -37.33 -26.47
C ILE C 106 -9.62 -37.74 -25.04
N GLU C 107 -9.05 -38.93 -24.88
CA GLU C 107 -8.57 -39.38 -23.57
C GLU C 107 -7.55 -38.42 -22.95
N ASP C 108 -6.69 -37.87 -23.81
CA ASP C 108 -5.58 -36.99 -23.41
C ASP C 108 -6.12 -35.66 -22.93
N ILE C 109 -7.04 -35.08 -23.71
CA ILE C 109 -7.70 -33.82 -23.41
C ILE C 109 -8.43 -33.90 -22.06
N LYS C 110 -9.21 -34.98 -21.84
CA LYS C 110 -9.90 -35.16 -20.56
C LYS C 110 -8.92 -35.29 -19.40
N ARG C 111 -7.80 -36.00 -19.62
CA ARG C 111 -6.73 -36.13 -18.63
C ARG C 111 -6.14 -34.76 -18.26
N ASP C 112 -5.97 -33.92 -19.30
CA ASP C 112 -5.47 -32.54 -19.14
C ASP C 112 -6.39 -31.71 -18.24
N PHE C 113 -7.69 -31.74 -18.55
CA PHE C 113 -8.72 -31.04 -17.74
C PHE C 113 -8.81 -31.56 -16.29
N GLU C 114 -8.83 -32.89 -16.15
CA GLU C 114 -8.91 -33.50 -14.82
C GLU C 114 -7.70 -33.13 -13.96
N GLU C 115 -6.52 -33.18 -14.58
CA GLU C 115 -5.27 -32.69 -13.98
C GLU C 115 -5.43 -31.26 -13.43
N SER C 116 -5.98 -30.37 -14.27
CA SER C 116 -6.14 -28.97 -13.94
C SER C 116 -7.16 -28.72 -12.82
N ILE C 117 -8.23 -29.51 -12.82
CA ILE C 117 -9.23 -29.45 -11.76
C ILE C 117 -8.59 -29.91 -10.44
N LEU C 118 -7.75 -30.94 -10.50
CA LEU C 118 -7.01 -31.40 -9.35
C LEU C 118 -6.05 -30.33 -8.80
N LEU C 119 -5.25 -29.77 -9.70
CA LEU C 119 -4.34 -28.66 -9.39
C LEU C 119 -5.06 -27.44 -8.80
N GLU C 120 -6.14 -26.99 -9.44
CA GLU C 120 -6.92 -25.88 -8.89
C GLU C 120 -7.45 -26.20 -7.49
N SER C 121 -8.04 -27.39 -7.33
CA SER C 121 -8.63 -27.84 -6.05
C SER C 121 -7.64 -27.89 -4.90
N GLU C 122 -6.46 -28.43 -5.16
CA GLU C 122 -5.39 -28.51 -4.17
C GLU C 122 -4.89 -27.13 -3.79
N ASP C 123 -4.78 -26.23 -4.77
CA ASP C 123 -4.29 -24.89 -4.47
C ASP C 123 -5.29 -24.17 -3.57
N VAL C 124 -6.56 -24.22 -3.93
CA VAL C 124 -7.63 -23.55 -3.19
C VAL C 124 -7.77 -24.06 -1.75
N ILE C 125 -7.74 -25.38 -1.55
CA ILE C 125 -7.87 -25.97 -0.22
C ILE C 125 -6.73 -25.44 0.68
N ARG C 126 -5.51 -25.38 0.15
CA ARG C 126 -4.39 -24.90 0.95
C ARG C 126 -4.52 -23.40 1.27
N ILE C 127 -4.92 -22.60 0.26
CA ILE C 127 -5.18 -21.16 0.39
C ILE C 127 -6.22 -20.91 1.48
N ILE C 128 -7.32 -21.67 1.46
CA ILE C 128 -8.36 -21.58 2.48
C ILE C 128 -7.76 -21.82 3.86
N ASP C 129 -6.95 -22.87 4.00
CA ASP C 129 -6.38 -23.24 5.28
C ASP C 129 -5.26 -22.32 5.78
N ASP C 130 -4.40 -21.88 4.86
CA ASP C 130 -3.17 -21.17 5.21
C ASP C 130 -3.35 -19.66 5.16
N ASN C 131 -4.32 -19.19 4.37
CA ASN C 131 -4.43 -17.77 4.03
C ASN C 131 -5.76 -17.12 4.40
N LEU C 132 -6.82 -17.92 4.54
CA LEU C 132 -8.16 -17.39 4.80
C LEU C 132 -8.76 -17.68 6.18
N LEU C 133 -8.60 -18.92 6.64
CA LEU C 133 -9.31 -19.41 7.82
C LEU C 133 -9.00 -18.74 9.17
N MET C 134 -7.77 -18.25 9.36
CA MET C 134 -7.40 -17.58 10.61
C MET C 134 -7.82 -16.10 10.66
N TYR C 135 -8.38 -15.62 9.55
CA TYR C 135 -8.86 -14.24 9.46
C TYR C 135 -10.36 -14.16 9.18
N SER C 136 -11.02 -15.30 9.14
CA SER C 136 -12.45 -15.39 8.82
C SER C 136 -13.34 -15.22 10.06
N GLU C 137 -14.47 -14.54 9.87
CA GLU C 137 -15.54 -14.47 10.87
C GLU C 137 -16.35 -15.75 10.72
N GLU C 138 -17.07 -16.14 11.77
CA GLU C 138 -17.80 -17.42 11.81
C GLU C 138 -18.46 -17.87 10.50
N GLY C 139 -19.15 -16.95 9.83
CA GLY C 139 -19.95 -17.26 8.64
C GLY C 139 -19.08 -17.49 7.42
N ALA C 140 -18.07 -16.65 7.27
CA ALA C 140 -17.02 -16.84 6.28
C ALA C 140 -16.28 -18.17 6.45
N ARG C 141 -16.06 -18.61 7.70
CA ARG C 141 -15.40 -19.89 7.97
C ARG C 141 -16.21 -21.07 7.46
N ALA C 142 -17.49 -21.08 7.78
CA ALA C 142 -18.41 -22.12 7.33
C ALA C 142 -18.51 -22.16 5.81
N PHE C 143 -18.54 -21.00 5.19
CA PHE C 143 -18.56 -20.89 3.72
C PHE C 143 -17.38 -21.62 3.13
N CYS C 144 -16.20 -21.35 3.70
CA CYS C 144 -14.94 -21.90 3.24
C CYS C 144 -14.81 -23.39 3.52
N ILE C 145 -15.35 -23.82 4.66
CA ILE C 145 -15.33 -25.24 4.99
C ILE C 145 -16.31 -26.00 4.11
N LYS C 146 -17.47 -25.40 3.83
CA LYS C 146 -18.38 -25.94 2.84
C LYS C 146 -17.61 -26.11 1.54
N LEU C 147 -16.92 -25.05 1.11
CA LEU C 147 -16.19 -25.02 -0.14
C LEU C 147 -15.17 -26.16 -0.22
N LYS C 148 -14.42 -26.37 0.85
CA LYS C 148 -13.49 -27.51 0.96
C LYS C 148 -14.15 -28.85 0.76
N GLY C 149 -15.38 -28.99 1.28
CA GLY C 149 -16.20 -30.19 1.08
C GLY C 149 -16.54 -30.37 -0.39
N ASP C 150 -16.97 -29.28 -1.03
CA ASP C 150 -17.23 -29.23 -2.46
C ASP C 150 -16.02 -29.68 -3.26
N LEU C 151 -14.86 -29.11 -2.92
CA LEU C 151 -13.61 -29.40 -3.60
C LEU C 151 -13.14 -30.84 -3.39
N MET C 152 -13.35 -31.38 -2.20
CA MET C 152 -13.10 -32.82 -1.96
C MET C 152 -14.04 -33.71 -2.79
N ARG C 153 -15.32 -33.34 -2.81
CA ARG C 153 -16.29 -33.91 -3.71
C ARG C 153 -15.81 -33.92 -5.17
N TYR C 154 -15.34 -32.77 -5.69
CA TYR C 154 -14.85 -32.64 -7.09
C TYR C 154 -13.64 -33.50 -7.41
N LYS C 155 -12.73 -33.62 -6.45
N LYS C 155 -12.72 -33.59 -6.44
CA LYS C 155 -11.56 -34.50 -6.58
CA LYS C 155 -11.56 -34.48 -6.52
C LYS C 155 -11.96 -35.99 -6.58
C LYS C 155 -12.00 -35.95 -6.63
N ALA C 156 -12.92 -36.36 -5.74
CA ALA C 156 -13.47 -37.72 -5.74
C ALA C 156 -14.12 -38.13 -7.08
N GLU C 157 -14.78 -37.19 -7.77
CA GLU C 157 -15.33 -37.42 -9.13
C GLU C 157 -14.29 -37.89 -10.15
N ILE C 158 -13.06 -37.43 -9.95
CA ILE C 158 -11.94 -37.64 -10.84
C ILE C 158 -11.11 -38.85 -10.40
N LEU C 159 -10.93 -38.98 -9.08
CA LEU C 159 -9.95 -39.91 -8.50
C LEU C 159 -10.59 -41.31 -8.37
N LYS C 160 -9.75 -42.32 -8.23
CA LYS C 160 -10.14 -43.73 -8.13
C LYS C 160 -9.55 -44.37 -6.87
N ASP C 161 -10.02 -45.59 -6.56
CA ASP C 161 -9.42 -46.47 -5.56
C ASP C 161 -9.48 -45.83 -4.18
N GLU C 162 -8.39 -45.93 -3.42
CA GLU C 162 -8.34 -45.42 -2.05
C GLU C 162 -8.32 -43.88 -1.96
N GLU C 163 -7.62 -43.24 -2.90
CA GLU C 163 -7.66 -41.77 -3.03
C GLU C 163 -9.08 -41.25 -3.15
N LYS C 164 -9.88 -41.88 -4.01
CA LYS C 164 -11.27 -41.50 -4.19
C LYS C 164 -12.04 -41.56 -2.86
N ASN C 165 -11.92 -42.69 -2.13
CA ASN C 165 -12.55 -42.85 -0.82
C ASN C 165 -12.10 -41.85 0.25
N GLN C 166 -10.79 -41.60 0.30
CA GLN C 166 -10.22 -40.63 1.23
C GLN C 166 -10.86 -39.23 1.05
N CYS C 167 -11.01 -38.84 -0.21
CA CYS C 167 -11.65 -37.59 -0.61
C CYS C 167 -13.11 -37.56 -0.27
N ILE C 168 -13.80 -38.69 -0.43
CA ILE C 168 -15.21 -38.77 -0.05
C ILE C 168 -15.36 -38.66 1.48
N LYS C 169 -14.49 -39.36 2.23
CA LYS C 169 -14.44 -39.21 3.70
C LYS C 169 -14.23 -37.77 4.16
N GLN C 170 -13.26 -37.08 3.56
CA GLN C 170 -13.04 -35.63 3.81
C GLN C 170 -14.21 -34.75 3.39
N ALA C 171 -14.83 -35.02 2.24
CA ALA C 171 -16.05 -34.29 1.89
C ALA C 171 -17.13 -34.40 2.99
N VAL C 172 -17.35 -35.63 3.50
CA VAL C 172 -18.31 -35.86 4.58
C VAL C 172 -17.96 -35.06 5.86
N GLU C 173 -16.71 -35.12 6.27
CA GLU C 173 -16.26 -34.42 7.47
C GLU C 173 -16.43 -32.91 7.37
N PHE C 174 -16.17 -32.34 6.20
CA PHE C 174 -16.29 -30.89 6.00
C PHE C 174 -17.75 -30.48 5.98
N TYR C 175 -18.59 -31.19 5.23
CA TYR C 175 -20.01 -30.91 5.22
C TYR C 175 -20.63 -31.00 6.62
N GLU C 176 -20.37 -32.11 7.32
CA GLU C 176 -20.76 -32.24 8.73
C GLU C 176 -20.28 -31.07 9.58
N ASP C 177 -18.98 -30.75 9.54
CA ASP C 177 -18.44 -29.62 10.32
C ASP C 177 -19.07 -28.28 9.97
N ALA C 178 -19.25 -28.02 8.66
CA ALA C 178 -19.86 -26.77 8.20
C ALA C 178 -21.29 -26.64 8.71
N LEU C 179 -22.02 -27.76 8.72
CA LEU C 179 -23.43 -27.76 9.17
C LEU C 179 -23.62 -27.46 10.66
N GLN C 180 -22.85 -28.12 11.52
CA GLN C 180 -22.94 -27.85 12.95
C GLN C 180 -22.46 -26.44 13.35
N ARG C 181 -21.44 -25.92 12.68
CA ARG C 181 -21.05 -24.52 12.83
C ARG C 181 -22.21 -23.58 12.46
N GLU C 182 -22.81 -23.81 11.29
CA GLU C 182 -23.91 -22.99 10.80
C GLU C 182 -25.07 -22.96 11.78
N ARG C 183 -25.33 -24.10 12.42
CA ARG C 183 -26.42 -24.22 13.39
C ARG C 183 -26.16 -23.50 14.71
N SER C 184 -24.88 -23.30 15.05
CA SER C 184 -24.52 -22.61 16.29
C SER C 184 -24.54 -21.07 16.17
N PHE C 185 -24.22 -20.55 14.98
CA PHE C 185 -24.09 -19.11 14.79
C PHE C 185 -25.29 -18.45 14.12
N LEU C 186 -25.81 -19.09 13.09
CA LEU C 186 -26.83 -18.49 12.21
C LEU C 186 -28.18 -18.27 12.88
N GLU C 187 -28.74 -17.10 12.63
CA GLU C 187 -30.10 -16.77 13.06
C GLU C 187 -31.06 -17.43 12.07
N LYS C 188 -32.06 -18.13 12.62
CA LYS C 188 -32.97 -18.97 11.85
C LYS C 188 -32.24 -19.79 10.78
N TYR C 189 -31.42 -20.73 11.23
CA TYR C 189 -30.62 -21.57 10.35
C TYR C 189 -31.43 -22.35 9.31
N PRO C 190 -32.59 -22.96 9.71
CA PRO C 190 -33.30 -23.78 8.71
C PRO C 190 -33.58 -23.07 7.37
N SER C 191 -33.67 -21.75 7.38
CA SER C 191 -34.02 -20.99 6.18
C SER C 191 -32.85 -20.17 5.60
N ASP C 192 -31.70 -20.22 6.26
CA ASP C 192 -30.53 -19.46 5.84
C ASP C 192 -29.91 -20.06 4.57
N PRO C 193 -29.59 -19.19 3.57
CA PRO C 193 -29.02 -19.62 2.30
C PRO C 193 -27.72 -20.43 2.43
N LEU C 194 -26.82 -20.04 3.34
CA LEU C 194 -25.55 -20.78 3.50
C LEU C 194 -25.77 -22.16 4.12
N TYR C 195 -26.80 -22.27 4.95
CA TYR C 195 -27.16 -23.55 5.51
C TYR C 195 -27.86 -24.41 4.45
N LEU C 196 -28.79 -23.81 3.71
CA LEU C 196 -29.48 -24.56 2.66
C LEU C 196 -28.55 -25.02 1.56
N ALA C 197 -27.54 -24.20 1.24
CA ALA C 197 -26.53 -24.57 0.25
C ALA C 197 -25.65 -25.71 0.73
N THR C 198 -25.40 -25.77 2.04
CA THR C 198 -24.52 -26.78 2.60
C THR C 198 -25.25 -28.12 2.65
N ILE C 199 -26.49 -28.08 3.14
CA ILE C 199 -27.42 -29.19 3.06
C ILE C 199 -27.45 -29.76 1.63
N LEU C 200 -27.65 -28.89 0.64
CA LEU C 200 -27.81 -29.29 -0.76
C LEU C 200 -26.60 -30.04 -1.38
N ASN C 201 -25.40 -29.50 -1.19
CA ASN C 201 -24.18 -30.12 -1.69
C ASN C 201 -23.85 -31.42 -0.96
N TYR C 202 -24.21 -31.49 0.31
CA TYR C 202 -24.14 -32.72 1.05
C TYR C 202 -25.10 -33.78 0.46
N THR C 203 -26.33 -33.38 0.11
CA THR C 203 -27.30 -34.31 -0.48
C THR C 203 -26.80 -34.86 -1.82
N ILE C 204 -26.00 -34.06 -2.53
CA ILE C 204 -25.43 -34.50 -3.81
C ILE C 204 -24.33 -35.52 -3.56
N LEU C 205 -23.47 -35.23 -2.59
CA LEU C 205 -22.51 -36.20 -2.09
C LEU C 205 -23.20 -37.51 -1.64
N LYS C 206 -24.24 -37.38 -0.80
CA LYS C 206 -24.97 -38.56 -0.30
C LYS C 206 -25.57 -39.38 -1.41
N TYR C 207 -26.08 -38.71 -2.43
CA TYR C 207 -26.82 -39.35 -3.51
C TYR C 207 -25.92 -40.15 -4.44
N ASP C 208 -24.88 -39.49 -4.91
CA ASP C 208 -24.03 -40.02 -5.98
C ASP C 208 -22.78 -40.75 -5.40
N LEU C 209 -21.83 -40.00 -4.86
CA LEU C 209 -20.56 -40.60 -4.43
C LEU C 209 -20.66 -41.56 -3.25
N LEU C 210 -21.57 -41.29 -2.32
CA LEU C 210 -21.80 -42.18 -1.17
C LEU C 210 -22.78 -43.31 -1.47
N GLY C 211 -23.47 -43.23 -2.61
CA GLY C 211 -24.38 -44.28 -3.07
C GLY C 211 -25.61 -44.53 -2.22
N ASN C 212 -26.20 -43.47 -1.66
CA ASN C 212 -27.39 -43.58 -0.81
C ASN C 212 -28.47 -42.62 -1.30
N PRO C 213 -29.14 -42.95 -2.43
CA PRO C 213 -30.21 -42.08 -2.93
C PRO C 213 -31.33 -41.85 -1.93
N GLU C 214 -31.80 -42.93 -1.28
CA GLU C 214 -32.85 -42.87 -0.26
C GLU C 214 -32.52 -41.94 0.91
N GLY C 215 -31.35 -42.14 1.52
CA GLY C 215 -30.88 -41.21 2.56
C GLY C 215 -30.68 -39.79 2.06
N ALA C 216 -30.22 -39.66 0.80
CA ALA C 216 -30.03 -38.34 0.20
C ALA C 216 -31.40 -37.63 0.10
N MET C 217 -32.39 -38.38 -0.36
CA MET C 217 -33.78 -37.89 -0.44
C MET C 217 -34.38 -37.49 0.90
N LYS C 218 -34.23 -38.34 1.92
CA LYS C 218 -34.71 -38.04 3.29
C LYS C 218 -34.04 -36.81 3.91
N PHE C 219 -32.72 -36.73 3.75
CA PHE C 219 -31.93 -35.58 4.21
C PHE C 219 -32.43 -34.26 3.59
N ALA C 220 -32.74 -34.31 2.31
CA ALA C 220 -33.20 -33.14 1.56
C ALA C 220 -34.61 -32.74 1.98
N ASN C 221 -35.51 -33.71 2.11
CA ASN C 221 -36.89 -33.48 2.53
C ASN C 221 -37.02 -32.99 3.98
N ARG C 222 -36.17 -33.52 4.87
CA ARG C 222 -36.15 -33.06 6.25
CA ARG C 222 -36.09 -33.06 6.26
C ARG C 222 -35.70 -31.59 6.28
N ALA C 223 -34.76 -31.23 5.39
CA ALA C 223 -34.29 -29.85 5.29
C ALA C 223 -35.36 -28.90 4.75
N ILE C 224 -36.01 -29.29 3.65
CA ILE C 224 -37.12 -28.52 3.07
C ILE C 224 -38.22 -28.26 4.10
N GLN C 225 -38.66 -29.32 4.78
CA GLN C 225 -39.77 -29.21 5.73
C GLN C 225 -39.39 -28.39 6.97
N ALA C 226 -38.14 -28.47 7.40
CA ALA C 226 -37.66 -27.66 8.52
C ALA C 226 -37.53 -26.17 8.13
N ALA C 227 -37.32 -25.90 6.84
CA ALA C 227 -37.31 -24.53 6.34
C ALA C 227 -38.72 -23.95 6.31
N GLU C 228 -39.67 -24.73 5.81
CA GLU C 228 -41.08 -24.32 5.75
C GLU C 228 -41.73 -24.16 7.12
N ASN C 229 -41.31 -24.97 8.10
CA ASN C 229 -41.79 -24.87 9.48
C ASN C 229 -41.33 -23.60 10.19
N SER C 230 -40.49 -22.82 9.50
CA SER C 230 -40.04 -21.54 10.03
C SER C 230 -40.57 -20.35 9.21
N ARG C 231 -41.90 -20.23 9.13
CA ARG C 231 -42.52 -18.99 8.63
C ARG C 231 -43.09 -18.21 9.82
N SER C 232 -42.25 -18.12 10.85
CA SER C 232 -42.50 -17.35 12.06
C SER C 232 -42.66 -15.87 11.74
N PHE C 237 -38.91 -15.01 3.12
CA PHE C 237 -37.60 -15.58 2.85
C PHE C 237 -36.85 -14.81 1.76
N SER C 238 -35.52 -14.77 1.90
CA SER C 238 -34.62 -14.17 0.92
C SER C 238 -34.65 -14.91 -0.43
N GLU C 239 -34.26 -14.22 -1.49
CA GLU C 239 -34.29 -14.75 -2.85
C GLU C 239 -33.41 -16.00 -3.02
N ASN C 240 -32.21 -15.95 -2.44
CA ASN C 240 -31.28 -17.08 -2.44
C ASN C 240 -31.87 -18.33 -1.81
N THR C 241 -32.42 -18.19 -0.59
CA THR C 241 -33.02 -19.34 0.08
C THR C 241 -34.22 -19.92 -0.69
N GLU C 242 -35.04 -19.04 -1.28
CA GLU C 242 -36.15 -19.50 -2.12
C GLU C 242 -35.68 -20.30 -3.34
N LYS C 243 -34.55 -19.94 -3.92
CA LYS C 243 -34.05 -20.72 -5.04
C LYS C 243 -33.21 -21.95 -4.67
N LEU C 244 -32.66 -21.99 -3.45
CA LEU C 244 -32.06 -23.24 -2.95
C LEU C 244 -33.15 -24.25 -2.60
N LEU C 245 -34.21 -23.77 -1.96
CA LEU C 245 -35.37 -24.60 -1.66
C LEU C 245 -35.96 -25.21 -2.95
N LYS C 246 -36.01 -24.41 -4.02
CA LYS C 246 -36.47 -24.89 -5.33
C LYS C 246 -35.58 -25.98 -5.89
N ILE C 247 -34.28 -25.82 -5.71
CA ILE C 247 -33.31 -26.82 -6.18
C ILE C 247 -33.50 -28.13 -5.40
N LEU C 248 -33.54 -28.02 -4.08
CA LEU C 248 -33.80 -29.16 -3.21
C LEU C 248 -35.09 -29.89 -3.61
N ARG C 249 -36.16 -29.14 -3.87
CA ARG C 249 -37.44 -29.70 -4.32
C ARG C 249 -37.36 -30.29 -5.73
N ASP C 250 -36.63 -29.64 -6.62
CA ASP C 250 -36.48 -30.12 -8.00
C ASP C 250 -35.69 -31.44 -8.08
N ASN C 251 -34.58 -31.53 -7.36
CA ASN C 251 -33.78 -32.75 -7.25
C ASN C 251 -34.59 -33.90 -6.68
N VAL C 252 -35.28 -33.63 -5.56
CA VAL C 252 -36.14 -34.62 -4.92
C VAL C 252 -37.21 -35.15 -5.86
N SER C 253 -37.89 -34.25 -6.60
CA SER C 253 -38.86 -34.67 -7.61
C SER C 253 -38.28 -35.67 -8.61
N GLN C 254 -37.04 -35.44 -9.03
CA GLN C 254 -36.35 -36.34 -9.95
C GLN C 254 -36.05 -37.68 -9.29
N TRP C 255 -35.47 -37.59 -8.09
CA TRP C 255 -35.13 -38.73 -7.26
C TRP C 255 -36.36 -39.58 -6.92
N GLU C 256 -37.51 -38.93 -6.76
CA GLU C 256 -38.76 -39.65 -6.49
C GLU C 256 -39.10 -40.65 -7.59
N GLN C 257 -38.70 -40.32 -8.82
CA GLN C 257 -38.97 -41.15 -10.00
C GLN C 257 -37.89 -42.20 -10.21
N GLY C 258 -36.92 -42.23 -9.31
CA GLY C 258 -35.86 -43.25 -9.31
C GLY C 258 -34.67 -42.92 -10.19
N CYS C 259 -34.50 -41.63 -10.49
CA CYS C 259 -33.44 -41.13 -11.37
C CYS C 259 -32.57 -40.10 -10.64
N SER C 260 -31.28 -40.09 -10.96
CA SER C 260 -30.35 -39.10 -10.37
C SER C 260 -30.63 -37.67 -10.83
N GLY C 261 -31.02 -37.53 -12.09
CA GLY C 261 -31.33 -36.24 -12.68
C GLY C 261 -30.10 -35.36 -12.82
N LEU C 262 -30.32 -34.04 -12.70
CA LEU C 262 -29.26 -33.05 -12.89
C LEU C 262 -28.25 -33.03 -11.74
N LEU C 263 -28.71 -33.39 -10.54
CA LEU C 263 -27.87 -33.31 -9.35
C LEU C 263 -27.33 -31.88 -9.32
N THR C 264 -28.28 -30.95 -9.44
CA THR C 264 -28.00 -29.53 -9.36
C THR C 264 -27.50 -29.26 -7.95
N SEP C 265 -26.31 -28.68 -7.86
CA SEP C 265 -25.71 -28.29 -6.59
CB SEP C 265 -24.24 -28.66 -6.61
OG SEP C 265 -23.68 -28.16 -7.82
C SEP C 265 -25.84 -26.78 -6.39
O SEP C 265 -26.35 -26.06 -7.27
P SEP C 265 -22.13 -28.62 -8.03
O1P SEP C 265 -22.00 -30.22 -8.15
O2P SEP C 265 -21.65 -27.95 -9.43
O3P SEP C 265 -21.22 -28.13 -6.78
N ALA C 266 -25.39 -26.28 -5.23
CA ALA C 266 -25.46 -24.85 -4.88
C ALA C 266 -24.83 -23.91 -5.93
N PHE C 267 -25.44 -22.75 -6.12
CA PHE C 267 -24.95 -21.76 -7.09
C PHE C 267 -23.77 -20.95 -6.54
N PHE C 268 -23.45 -21.18 -5.26
CA PHE C 268 -22.20 -20.69 -4.65
C PHE C 268 -21.55 -21.77 -3.76
N ALA D 33 6.23 -42.02 -11.21
CA ALA D 33 6.84 -40.78 -11.77
C ALA D 33 5.78 -39.70 -12.04
N TYR D 34 4.70 -40.10 -12.69
CA TYR D 34 3.61 -39.19 -13.10
C TYR D 34 2.93 -38.47 -11.94
N ARG D 35 2.67 -39.20 -10.85
CA ARG D 35 2.10 -38.63 -9.64
C ARG D 35 3.06 -37.66 -8.96
N ALA D 36 4.35 -37.99 -9.01
CA ALA D 36 5.41 -37.11 -8.50
C ALA D 36 5.49 -35.79 -9.26
N LYS D 37 5.36 -35.84 -10.59
CA LYS D 37 5.39 -34.63 -11.44
C LYS D 37 4.21 -33.69 -11.20
N LEU D 38 3.07 -34.29 -10.86
CA LEU D 38 1.89 -33.52 -10.48
C LEU D 38 2.14 -32.85 -9.12
N ALA D 39 2.74 -33.60 -8.20
CA ALA D 39 3.06 -33.11 -6.86
C ALA D 39 4.10 -31.99 -6.93
N ASP D 40 4.88 -31.95 -8.00
CA ASP D 40 5.81 -30.86 -8.24
C ASP D 40 5.13 -29.57 -8.64
N MET D 41 4.11 -29.66 -9.50
CA MET D 41 3.28 -28.52 -9.87
C MET D 41 2.51 -27.98 -8.67
N VAL D 42 2.03 -28.87 -7.81
CA VAL D 42 1.33 -28.51 -6.57
C VAL D 42 2.25 -27.67 -5.66
N GLY D 43 3.48 -28.14 -5.47
CA GLY D 43 4.54 -27.37 -4.78
C GLY D 43 4.81 -26.01 -5.42
N ASN D 44 4.91 -25.98 -6.75
CA ASN D 44 5.11 -24.76 -7.53
CA ASN D 44 5.13 -24.73 -7.48
C ASN D 44 4.02 -23.71 -7.23
N TYR D 45 2.77 -24.16 -7.20
CA TYR D 45 1.63 -23.29 -6.96
C TYR D 45 1.72 -22.73 -5.53
N LYS D 46 1.98 -23.61 -4.57
CA LYS D 46 2.14 -23.20 -3.18
C LYS D 46 3.22 -22.12 -3.06
N ASP D 47 4.37 -22.38 -3.68
CA ASP D 47 5.46 -21.44 -3.58
CA ASP D 47 5.54 -21.49 -3.73
C ASP D 47 5.22 -20.09 -4.27
N VAL D 48 4.50 -20.05 -5.39
CA VAL D 48 4.07 -18.79 -6.00
C VAL D 48 3.33 -17.94 -4.97
N ILE D 49 2.32 -18.53 -4.33
CA ILE D 49 1.51 -17.81 -3.31
C ILE D 49 2.35 -17.38 -2.09
N LYS D 50 3.19 -18.29 -1.58
CA LYS D 50 4.05 -18.02 -0.43
C LYS D 50 4.92 -16.79 -0.65
N VAL D 51 5.69 -16.80 -1.74
CA VAL D 51 6.56 -15.70 -2.11
C VAL D 51 5.81 -14.38 -2.29
N LEU D 52 4.73 -14.40 -3.07
CA LEU D 52 3.96 -13.17 -3.32
C LEU D 52 3.38 -12.55 -2.06
N THR D 53 2.92 -13.38 -1.12
CA THR D 53 2.20 -12.90 0.09
C THR D 53 3.09 -12.72 1.33
N GLU D 54 4.19 -13.46 1.41
CA GLU D 54 5.09 -13.38 2.57
C GLU D 54 6.38 -12.61 2.29
N SER D 55 6.65 -12.27 1.04
CA SER D 55 7.91 -11.59 0.72
C SER D 55 7.84 -10.06 0.78
N SER D 56 6.63 -9.50 0.83
CA SER D 56 6.43 -8.05 0.92
C SER D 56 6.61 -7.56 2.34
N ASP D 57 6.90 -6.26 2.47
CA ASP D 57 7.20 -5.62 3.75
C ASP D 57 5.93 -5.22 4.53
N SER D 62 -1.62 -7.68 0.95
CA SER D 62 -1.58 -9.13 1.15
C SER D 62 -2.70 -9.83 0.42
N LEU D 63 -3.86 -9.17 0.37
CA LEU D 63 -5.04 -9.72 -0.28
C LEU D 63 -5.02 -9.67 -1.83
N ILE D 64 -4.60 -8.55 -2.43
CA ILE D 64 -4.45 -8.57 -3.90
C ILE D 64 -3.21 -9.33 -4.34
N LEU D 65 -2.24 -9.42 -3.44
CA LEU D 65 -1.04 -10.20 -3.72
C LEU D 65 -1.40 -11.68 -3.70
N LEU D 66 -2.34 -12.04 -2.82
CA LEU D 66 -2.92 -13.39 -2.79
C LEU D 66 -3.71 -13.60 -4.08
N LEU D 67 -4.43 -12.59 -4.52
CA LEU D 67 -5.20 -12.70 -5.75
C LEU D 67 -4.27 -12.85 -6.95
N ALA D 68 -3.20 -12.06 -6.98
CA ALA D 68 -2.24 -12.10 -8.06
C ALA D 68 -1.66 -13.51 -8.25
N GLY D 69 -1.27 -14.13 -7.16
CA GLY D 69 -0.73 -15.51 -7.14
C GLY D 69 -1.77 -16.52 -7.55
N SER D 70 -2.93 -16.45 -6.89
CA SER D 70 -4.06 -17.31 -7.21
C SER D 70 -4.39 -17.23 -8.71
N LEU D 71 -4.37 -16.01 -9.26
CA LEU D 71 -4.63 -15.82 -10.68
C LEU D 71 -3.52 -16.36 -11.59
N ARG D 72 -2.26 -16.32 -11.15
CA ARG D 72 -1.20 -16.85 -12.03
C ARG D 72 -1.27 -18.37 -12.07
N ASN D 73 -1.68 -18.97 -10.94
CA ASN D 73 -1.92 -20.41 -10.84
C ASN D 73 -3.12 -20.86 -11.68
N ARG D 74 -4.24 -20.18 -11.54
CA ARG D 74 -5.36 -20.33 -12.47
C ARG D 74 -4.93 -20.30 -13.93
N VAL D 75 -4.11 -19.31 -14.29
CA VAL D 75 -3.64 -19.14 -15.67
C VAL D 75 -2.79 -20.33 -16.13
N THR D 76 -1.95 -20.83 -15.23
CA THR D 76 -1.15 -22.02 -15.54
C THR D 76 -2.02 -23.28 -15.59
N SER D 77 -3.07 -23.35 -14.77
CA SER D 77 -4.02 -24.48 -14.88
C SER D 77 -4.83 -24.43 -16.17
N ILE D 78 -5.26 -23.24 -16.58
CA ILE D 78 -5.99 -23.09 -17.83
C ILE D 78 -5.13 -23.54 -19.03
N ARG D 79 -3.89 -23.07 -19.06
CA ARG D 79 -2.96 -23.45 -20.13
C ARG D 79 -2.67 -24.94 -20.14
N ASN D 80 -2.60 -25.53 -18.95
CA ASN D 80 -2.42 -26.96 -18.81
C ASN D 80 -3.58 -27.76 -19.41
N SER D 81 -4.81 -27.29 -19.19
CA SER D 81 -6.02 -27.86 -19.76
C SER D 81 -5.95 -28.04 -21.27
N LEU D 82 -5.26 -27.10 -21.93
CA LEU D 82 -5.23 -27.03 -23.39
C LEU D 82 -4.06 -27.73 -24.06
N LYS D 83 -3.19 -28.37 -23.31
CA LYS D 83 -1.97 -28.90 -23.93
C LYS D 83 -2.14 -29.96 -25.04
N SER D 84 -3.02 -30.95 -24.85
CA SER D 84 -3.33 -31.89 -25.94
C SER D 84 -4.18 -31.26 -27.05
N ILE D 85 -5.07 -30.33 -26.69
CA ILE D 85 -5.82 -29.59 -27.69
C ILE D 85 -4.82 -28.91 -28.64
N LYS D 86 -3.78 -28.31 -28.04
CA LYS D 86 -2.77 -27.57 -28.78
C LYS D 86 -1.81 -28.48 -29.55
N SER D 87 -1.19 -29.46 -28.88
CA SER D 87 -0.24 -30.39 -29.52
C SER D 87 -0.85 -31.28 -30.60
N GLN D 88 -2.16 -31.54 -30.52
CA GLN D 88 -2.85 -32.35 -31.52
C GLN D 88 -3.81 -31.54 -32.34
N GLU D 89 -3.55 -30.24 -32.46
CA GLU D 89 -4.40 -29.35 -33.27
C GLU D 89 -4.64 -29.87 -34.70
N GLU D 90 -3.61 -30.44 -35.32
CA GLU D 90 -3.73 -30.94 -36.70
C GLU D 90 -4.68 -32.14 -36.82
N LYS D 91 -4.52 -33.13 -35.94
CA LYS D 91 -5.44 -34.28 -35.87
C LYS D 91 -6.87 -33.83 -35.56
N LEU D 92 -7.01 -32.90 -34.60
CA LEU D 92 -8.33 -32.36 -34.26
C LEU D 92 -9.06 -31.63 -35.41
N ARG D 93 -8.31 -30.87 -36.20
CA ARG D 93 -8.86 -30.13 -37.33
C ARG D 93 -9.24 -31.06 -38.49
N LYS D 94 -8.47 -32.13 -38.65
CA LYS D 94 -8.76 -33.23 -39.58
C LYS D 94 -10.14 -33.88 -39.30
N GLU D 95 -10.47 -33.98 -38.01
CA GLU D 95 -11.70 -34.61 -37.54
C GLU D 95 -12.96 -33.74 -37.63
N LYS D 96 -12.82 -32.45 -37.92
CA LYS D 96 -13.99 -31.56 -37.97
C LYS D 96 -14.93 -31.83 -39.14
N SER D 97 -14.37 -32.24 -40.28
CA SER D 97 -15.15 -32.58 -41.46
C SER D 97 -16.29 -33.52 -41.09
N LEU D 98 -15.94 -34.68 -40.51
CA LEU D 98 -16.93 -35.72 -40.20
C LEU D 98 -17.50 -35.62 -38.80
N ASN D 99 -16.75 -35.04 -37.86
CA ASN D 99 -17.23 -34.82 -36.48
C ASN D 99 -17.25 -33.34 -36.13
N ASN D 100 -18.05 -32.58 -36.89
CA ASN D 100 -18.10 -31.13 -36.76
C ASN D 100 -18.43 -30.61 -35.36
N GLU D 101 -19.54 -31.09 -34.79
CA GLU D 101 -20.09 -30.52 -33.56
C GLU D 101 -19.16 -30.68 -32.37
N PHE D 102 -18.65 -31.89 -32.17
CA PHE D 102 -17.69 -32.14 -31.10
C PHE D 102 -16.43 -31.25 -31.21
N ILE D 103 -15.82 -31.22 -32.40
CA ILE D 103 -14.62 -30.39 -32.60
C ILE D 103 -14.91 -28.88 -32.43
N GLN D 104 -16.14 -28.48 -32.71
CA GLN D 104 -16.53 -27.09 -32.53
C GLN D 104 -16.58 -26.74 -31.05
N VAL D 105 -17.05 -27.68 -30.22
CA VAL D 105 -17.04 -27.49 -28.76
C VAL D 105 -15.61 -27.30 -28.25
N ILE D 106 -14.70 -28.18 -28.68
CA ILE D 106 -13.28 -28.07 -28.34
C ILE D 106 -12.70 -26.70 -28.79
N GLU D 107 -12.98 -26.31 -30.04
CA GLU D 107 -12.50 -25.02 -30.55
C GLU D 107 -13.02 -23.82 -29.75
N ASP D 108 -14.30 -23.86 -29.39
CA ASP D 108 -14.93 -22.81 -28.58
C ASP D 108 -14.36 -22.69 -27.18
N ILE D 109 -14.05 -23.84 -26.56
CA ILE D 109 -13.41 -23.88 -25.23
C ILE D 109 -11.97 -23.36 -25.32
N LYS D 110 -11.24 -23.78 -26.36
CA LYS D 110 -9.87 -23.31 -26.59
C LYS D 110 -9.80 -21.79 -26.70
N ARG D 111 -10.69 -21.23 -27.54
CA ARG D 111 -10.82 -19.78 -27.73
CA ARG D 111 -10.84 -19.78 -27.74
C ARG D 111 -11.18 -19.05 -26.44
N ASP D 112 -12.12 -19.61 -25.68
CA ASP D 112 -12.55 -19.00 -24.42
C ASP D 112 -11.44 -19.04 -23.39
N PHE D 113 -10.78 -20.19 -23.30
CA PHE D 113 -9.74 -20.44 -22.30
C PHE D 113 -8.52 -19.55 -22.61
N GLU D 114 -8.15 -19.48 -23.88
CA GLU D 114 -7.04 -18.60 -24.33
C GLU D 114 -7.33 -17.12 -24.08
N GLU D 115 -8.58 -16.70 -24.21
CA GLU D 115 -8.96 -15.33 -23.89
C GLU D 115 -8.74 -15.03 -22.41
N SER D 116 -9.23 -15.94 -21.55
CA SER D 116 -8.98 -15.89 -20.11
C SER D 116 -7.48 -15.79 -19.81
N ILE D 117 -6.65 -16.60 -20.48
CA ILE D 117 -5.21 -16.53 -20.26
C ILE D 117 -4.73 -15.10 -20.59
N LEU D 118 -5.16 -14.54 -21.74
CA LEU D 118 -4.73 -13.20 -22.18
C LEU D 118 -5.15 -12.12 -21.21
N LEU D 119 -6.45 -12.09 -20.90
CA LEU D 119 -7.00 -11.10 -19.99
C LEU D 119 -6.42 -11.17 -18.58
N GLU D 120 -6.35 -12.36 -18.01
CA GLU D 120 -5.97 -12.52 -16.61
C GLU D 120 -4.47 -12.41 -16.35
N SER D 121 -3.65 -12.89 -17.29
CA SER D 121 -2.23 -12.62 -17.22
C SER D 121 -1.93 -11.09 -17.22
N GLU D 122 -2.70 -10.29 -17.97
CA GLU D 122 -2.53 -8.84 -17.89
CA GLU D 122 -2.63 -8.81 -17.93
C GLU D 122 -2.92 -8.30 -16.51
N ASP D 123 -3.97 -8.86 -15.91
CA ASP D 123 -4.38 -8.50 -14.54
C ASP D 123 -3.26 -8.76 -13.52
N VAL D 124 -2.68 -9.96 -13.55
CA VAL D 124 -1.56 -10.27 -12.67
C VAL D 124 -0.39 -9.30 -12.90
N ILE D 125 0.01 -9.11 -14.17
CA ILE D 125 1.12 -8.21 -14.49
C ILE D 125 0.89 -6.82 -13.88
N ARG D 126 -0.32 -6.30 -14.08
CA ARG D 126 -0.65 -5.00 -13.51
C ARG D 126 -0.57 -4.96 -11.98
N ILE D 127 -1.03 -6.03 -11.31
CA ILE D 127 -0.91 -6.12 -9.84
C ILE D 127 0.57 -6.22 -9.42
N ILE D 128 1.34 -7.03 -10.12
CA ILE D 128 2.79 -7.14 -9.87
C ILE D 128 3.47 -5.77 -9.96
N ASP D 129 3.21 -5.06 -11.05
CA ASP D 129 3.84 -3.77 -11.30
C ASP D 129 3.45 -2.71 -10.29
N ASP D 130 2.19 -2.73 -9.85
CA ASP D 130 1.71 -1.80 -8.84
C ASP D 130 2.40 -1.97 -7.48
N ASN D 131 2.96 -3.16 -7.27
CA ASN D 131 3.44 -3.58 -5.96
C ASN D 131 4.90 -3.97 -5.91
N LEU D 132 5.57 -3.96 -7.06
CA LEU D 132 6.93 -4.50 -7.14
C LEU D 132 7.83 -3.85 -6.12
N LEU D 133 7.74 -2.52 -6.03
CA LEU D 133 8.60 -1.72 -5.19
C LEU D 133 8.47 -2.02 -3.71
N MET D 134 7.31 -2.53 -3.30
CA MET D 134 7.06 -2.89 -1.90
C MET D 134 7.66 -4.24 -1.48
N TYR D 135 8.31 -4.91 -2.43
CA TYR D 135 9.25 -5.99 -2.13
C TYR D 135 10.67 -5.42 -2.03
N SER D 136 11.14 -5.17 -0.80
CA SER D 136 12.52 -4.70 -0.64
C SER D 136 13.52 -5.82 -0.89
N GLU D 137 13.09 -7.07 -0.70
CA GLU D 137 13.92 -8.24 -0.95
C GLU D 137 14.17 -8.38 -2.45
N GLU D 138 15.44 -8.37 -2.82
CA GLU D 138 15.85 -8.43 -4.24
C GLU D 138 15.42 -9.73 -4.95
N GLY D 139 15.39 -10.84 -4.20
CA GLY D 139 14.95 -12.12 -4.71
C GLY D 139 13.47 -12.14 -5.02
N ALA D 140 12.69 -11.43 -4.20
CA ALA D 140 11.25 -11.31 -4.41
C ALA D 140 10.93 -10.50 -5.69
N ARG D 141 11.64 -9.38 -5.86
CA ARG D 141 11.56 -8.58 -7.08
C ARG D 141 11.92 -9.41 -8.32
N ALA D 142 13.00 -10.19 -8.24
CA ALA D 142 13.40 -11.04 -9.36
C ALA D 142 12.35 -12.13 -9.63
N PHE D 143 11.85 -12.74 -8.56
CA PHE D 143 10.80 -13.74 -8.66
C PHE D 143 9.61 -13.21 -9.48
N CYS D 144 9.18 -11.99 -9.11
CA CYS D 144 8.09 -11.29 -9.77
C CYS D 144 8.34 -11.03 -11.25
N ILE D 145 9.57 -10.66 -11.58
CA ILE D 145 9.91 -10.29 -12.93
C ILE D 145 10.03 -11.55 -13.80
N LYS D 146 10.51 -12.64 -13.22
CA LYS D 146 10.47 -13.96 -13.87
C LYS D 146 9.03 -14.37 -14.22
N LEU D 147 8.12 -14.16 -13.28
CA LEU D 147 6.70 -14.45 -13.47
C LEU D 147 6.06 -13.70 -14.63
N LYS D 148 6.39 -12.40 -14.76
CA LYS D 148 5.93 -11.59 -15.88
C LYS D 148 6.48 -12.14 -17.19
N GLY D 149 7.72 -12.63 -17.15
CA GLY D 149 8.34 -13.26 -18.29
C GLY D 149 7.59 -14.52 -18.68
N ASP D 150 7.22 -15.34 -17.69
CA ASP D 150 6.38 -16.54 -17.90
C ASP D 150 5.04 -16.17 -18.52
N LEU D 151 4.39 -15.18 -17.94
CA LEU D 151 3.10 -14.71 -18.44
C LEU D 151 3.16 -14.14 -19.86
N MET D 152 4.23 -13.41 -20.18
CA MET D 152 4.43 -12.99 -21.58
C MET D 152 4.60 -14.20 -22.50
N ARG D 153 5.40 -15.18 -22.07
CA ARG D 153 5.57 -16.44 -22.82
C ARG D 153 4.23 -17.14 -23.11
N TYR D 154 3.33 -17.17 -22.12
CA TYR D 154 1.99 -17.72 -22.29
C TYR D 154 1.18 -16.97 -23.34
N LYS D 155 1.32 -15.65 -23.38
CA LYS D 155 0.64 -14.83 -24.38
C LYS D 155 1.18 -15.16 -25.78
N ALA D 156 2.50 -15.31 -25.88
CA ALA D 156 3.16 -15.56 -27.15
C ALA D 156 2.75 -16.91 -27.77
N GLU D 157 2.24 -17.81 -26.93
CA GLU D 157 1.73 -19.12 -27.36
C GLU D 157 0.32 -18.99 -27.96
N ILE D 158 -0.34 -17.88 -27.65
CA ILE D 158 -1.72 -17.65 -28.05
C ILE D 158 -1.77 -16.65 -29.19
N LEU D 159 -0.94 -15.61 -29.10
CA LEU D 159 -0.93 -14.53 -30.08
C LEU D 159 -0.25 -14.93 -31.40
N LYS D 160 -0.52 -14.15 -32.45
CA LYS D 160 0.07 -14.39 -33.78
C LYS D 160 0.88 -13.19 -34.26
N ASP D 161 1.71 -13.42 -35.27
CA ASP D 161 2.35 -12.34 -36.03
C ASP D 161 3.18 -11.41 -35.14
N GLU D 162 2.98 -10.10 -35.34
CA GLU D 162 3.71 -9.10 -34.61
C GLU D 162 3.34 -9.02 -33.12
N GLU D 163 2.05 -9.14 -32.80
CA GLU D 163 1.58 -9.23 -31.41
CA GLU D 163 1.63 -9.18 -31.40
C GLU D 163 2.33 -10.33 -30.66
N LYS D 164 2.61 -11.43 -31.37
CA LYS D 164 3.33 -12.57 -30.81
C LYS D 164 4.81 -12.25 -30.57
N ASN D 165 5.43 -11.66 -31.60
CA ASN D 165 6.82 -11.22 -31.54
C ASN D 165 7.08 -10.19 -30.44
N GLN D 166 6.11 -9.31 -30.20
CA GLN D 166 6.20 -8.34 -29.12
C GLN D 166 6.22 -9.02 -27.75
N CYS D 167 5.35 -10.01 -27.57
CA CYS D 167 5.32 -10.80 -26.33
C CYS D 167 6.60 -11.60 -26.09
N ILE D 168 7.16 -12.17 -27.17
CA ILE D 168 8.42 -12.90 -27.10
C ILE D 168 9.56 -11.94 -26.73
N LYS D 169 9.56 -10.75 -27.35
CA LYS D 169 10.56 -9.71 -27.05
C LYS D 169 10.53 -9.35 -25.55
N GLN D 170 9.34 -9.08 -25.00
CA GLN D 170 9.18 -8.74 -23.58
C GLN D 170 9.57 -9.86 -22.64
N ALA D 171 9.26 -11.11 -23.02
CA ALA D 171 9.65 -12.28 -22.23
C ALA D 171 11.16 -12.36 -22.07
N VAL D 172 11.88 -12.20 -23.19
CA VAL D 172 13.35 -12.13 -23.19
C VAL D 172 13.82 -11.06 -22.21
N GLU D 173 13.27 -9.85 -22.33
CA GLU D 173 13.62 -8.73 -21.45
C GLU D 173 13.46 -9.09 -19.97
N PHE D 174 12.29 -9.62 -19.62
CA PHE D 174 11.97 -9.97 -18.23
C PHE D 174 12.89 -11.09 -17.74
N TYR D 175 13.12 -12.10 -18.57
CA TYR D 175 14.06 -13.17 -18.22
C TYR D 175 15.49 -12.66 -18.04
N GLU D 176 15.98 -11.82 -18.94
CA GLU D 176 17.34 -11.27 -18.77
C GLU D 176 17.46 -10.35 -17.53
N ASP D 177 16.40 -9.63 -17.21
CA ASP D 177 16.34 -8.76 -16.05
C ASP D 177 16.36 -9.59 -14.77
N ALA D 178 15.45 -10.55 -14.69
CA ALA D 178 15.42 -11.51 -13.58
C ALA D 178 16.78 -12.20 -13.41
N LEU D 179 17.39 -12.64 -14.51
CA LEU D 179 18.68 -13.32 -14.44
C LEU D 179 19.82 -12.44 -13.90
N GLN D 180 19.93 -11.22 -14.41
CA GLN D 180 20.97 -10.29 -13.93
C GLN D 180 20.77 -9.89 -12.46
N ARG D 181 19.52 -9.69 -12.04
CA ARG D 181 19.20 -9.45 -10.63
C ARG D 181 19.59 -10.65 -9.75
N GLU D 182 19.34 -11.85 -10.25
CA GLU D 182 19.68 -13.08 -9.50
C GLU D 182 21.19 -13.28 -9.35
N ARG D 183 21.95 -13.02 -10.40
CA ARG D 183 23.42 -13.15 -10.37
C ARG D 183 24.09 -12.11 -9.48
N SER D 184 23.58 -10.89 -9.52
CA SER D 184 24.07 -9.79 -8.70
C SER D 184 23.74 -9.97 -7.23
N PHE D 185 22.53 -10.46 -6.96
CA PHE D 185 21.92 -10.29 -5.63
C PHE D 185 21.83 -11.55 -4.76
N LEU D 186 21.84 -12.73 -5.40
CA LEU D 186 21.68 -13.99 -4.65
C LEU D 186 23.01 -14.65 -4.30
N GLU D 187 23.11 -15.09 -3.05
CA GLU D 187 24.27 -15.85 -2.59
C GLU D 187 24.27 -17.20 -3.29
N LYS D 188 25.45 -17.67 -3.70
CA LYS D 188 25.60 -18.96 -4.39
C LYS D 188 24.55 -19.19 -5.49
N TYR D 189 24.44 -18.20 -6.37
CA TYR D 189 23.37 -18.18 -7.37
C TYR D 189 23.35 -19.38 -8.35
N PRO D 190 24.53 -19.91 -8.76
CA PRO D 190 24.49 -21.01 -9.74
C PRO D 190 23.71 -22.26 -9.31
N SER D 191 23.52 -22.43 -8.01
CA SER D 191 22.76 -23.56 -7.47
C SER D 191 21.47 -23.11 -6.78
N ASP D 192 21.09 -21.86 -7.00
CA ASP D 192 19.89 -21.29 -6.41
C ASP D 192 18.66 -21.66 -7.26
N PRO D 193 17.62 -22.24 -6.62
CA PRO D 193 16.43 -22.74 -7.34
C PRO D 193 15.64 -21.67 -8.11
N LEU D 194 15.63 -20.43 -7.60
CA LEU D 194 15.07 -19.30 -8.35
C LEU D 194 15.85 -19.04 -9.64
N TYR D 195 17.17 -18.94 -9.50
CA TYR D 195 18.06 -18.75 -10.64
C TYR D 195 17.82 -19.86 -11.66
N LEU D 196 17.83 -21.10 -11.20
CA LEU D 196 17.71 -22.24 -12.10
C LEU D 196 16.31 -22.37 -12.70
N ALA D 197 15.29 -21.93 -11.98
CA ALA D 197 13.93 -21.91 -12.54
C ALA D 197 13.83 -20.85 -13.61
N THR D 198 14.54 -19.73 -13.42
CA THR D 198 14.63 -18.69 -14.44
C THR D 198 15.38 -19.18 -15.69
N ILE D 199 16.53 -19.82 -15.48
CA ILE D 199 17.26 -20.51 -16.56
C ILE D 199 16.33 -21.46 -17.33
N LEU D 200 15.62 -22.32 -16.61
CA LEU D 200 14.76 -23.31 -17.23
C LEU D 200 13.69 -22.69 -18.13
N ASN D 201 12.94 -21.73 -17.59
CA ASN D 201 11.85 -21.11 -18.32
C ASN D 201 12.32 -20.31 -19.54
N TYR D 202 13.49 -19.70 -19.40
CA TYR D 202 14.14 -18.97 -20.48
C TYR D 202 14.69 -19.92 -21.54
N THR D 203 15.26 -21.05 -21.13
CA THR D 203 15.66 -22.04 -22.13
C THR D 203 14.46 -22.64 -22.86
N ILE D 204 13.31 -22.73 -22.19
CA ILE D 204 12.06 -23.17 -22.84
C ILE D 204 11.68 -22.22 -23.98
N LEU D 205 11.77 -20.92 -23.69
CA LEU D 205 11.51 -19.84 -24.63
C LEU D 205 12.44 -19.89 -25.85
N LYS D 206 13.73 -20.03 -25.59
CA LYS D 206 14.72 -20.21 -26.65
C LYS D 206 14.40 -21.42 -27.54
N TYR D 207 14.01 -22.53 -26.91
CA TYR D 207 13.76 -23.81 -27.57
C TYR D 207 12.61 -23.75 -28.57
N ASP D 208 11.46 -23.27 -28.12
CA ASP D 208 10.22 -23.36 -28.89
C ASP D 208 9.88 -22.05 -29.63
N LEU D 209 9.59 -21.00 -28.88
CA LEU D 209 9.08 -19.74 -29.48
C LEU D 209 10.14 -18.92 -30.22
N LEU D 210 11.38 -19.01 -29.75
CA LEU D 210 12.52 -18.38 -30.41
C LEU D 210 13.10 -19.26 -31.53
N GLY D 211 12.72 -20.53 -31.54
CA GLY D 211 13.15 -21.50 -32.54
C GLY D 211 14.63 -21.80 -32.49
N ASN D 212 15.17 -21.91 -31.29
CA ASN D 212 16.61 -22.03 -31.10
C ASN D 212 16.99 -23.21 -30.21
N PRO D 213 16.73 -24.46 -30.67
CA PRO D 213 16.99 -25.64 -29.84
C PRO D 213 18.47 -25.80 -29.47
N GLU D 214 19.37 -25.55 -30.42
CA GLU D 214 20.81 -25.59 -30.16
C GLU D 214 21.23 -24.52 -29.14
N GLY D 215 20.78 -23.29 -29.36
CA GLY D 215 21.04 -22.18 -28.42
C GLY D 215 20.49 -22.42 -27.03
N ALA D 216 19.31 -23.04 -26.97
CA ALA D 216 18.65 -23.40 -25.70
C ALA D 216 19.43 -24.47 -24.93
N MET D 217 19.87 -25.51 -25.62
CA MET D 217 20.61 -26.61 -25.01
C MET D 217 22.01 -26.22 -24.53
N LYS D 218 22.72 -25.44 -25.35
CA LYS D 218 24.00 -24.84 -24.95
C LYS D 218 23.89 -23.98 -23.68
N PHE D 219 22.78 -23.25 -23.58
CA PHE D 219 22.51 -22.38 -22.45
C PHE D 219 22.23 -23.19 -21.19
N ALA D 220 21.36 -24.20 -21.31
CA ALA D 220 21.06 -25.11 -20.22
C ALA D 220 22.31 -25.79 -19.69
N ASN D 221 23.10 -26.37 -20.59
CA ASN D 221 24.35 -27.05 -20.25
C ASN D 221 25.35 -26.19 -19.49
N ARG D 222 25.38 -24.89 -19.81
CA ARG D 222 26.24 -23.94 -19.12
C ARG D 222 25.86 -23.87 -17.64
N ALA D 223 24.55 -23.82 -17.37
CA ALA D 223 24.06 -23.68 -16.02
C ALA D 223 24.24 -24.96 -15.19
N ILE D 224 24.11 -26.11 -15.85
CA ILE D 224 24.40 -27.40 -15.23
C ILE D 224 25.88 -27.48 -14.85
N GLN D 225 26.75 -27.06 -15.77
CA GLN D 225 28.18 -27.06 -15.52
C GLN D 225 28.52 -26.11 -14.38
N ALA D 226 28.00 -24.89 -14.45
CA ALA D 226 28.25 -23.87 -13.43
C ALA D 226 27.83 -24.36 -12.04
N ALA D 227 26.64 -24.96 -11.95
CA ALA D 227 26.11 -25.46 -10.68
C ALA D 227 26.94 -26.59 -10.07
N GLU D 228 27.37 -27.52 -10.93
CA GLU D 228 28.16 -28.67 -10.49
C GLU D 228 29.60 -28.30 -10.15
N ASN D 229 30.08 -27.22 -10.75
CA ASN D 229 31.39 -26.66 -10.43
C ASN D 229 31.44 -26.13 -9.00
N SER D 230 30.34 -25.50 -8.58
CA SER D 230 30.16 -24.96 -7.23
C SER D 230 30.28 -26.04 -6.16
N GLU D 235 28.04 -32.58 0.16
CA GLU D 235 27.40 -31.29 -0.12
C GLU D 235 26.22 -31.46 -1.08
N GLN D 236 25.01 -31.45 -0.52
CA GLN D 236 23.79 -31.49 -1.31
C GLN D 236 23.17 -30.10 -1.42
N PHE D 237 22.45 -29.88 -2.51
CA PHE D 237 21.74 -28.64 -2.73
C PHE D 237 20.33 -28.74 -2.19
N SER D 238 19.52 -27.71 -2.48
CA SER D 238 18.09 -27.73 -2.16
C SER D 238 17.41 -28.83 -2.96
N GLU D 239 16.33 -29.38 -2.41
CA GLU D 239 15.56 -30.39 -3.12
C GLU D 239 14.97 -29.83 -4.41
N ASN D 240 14.64 -28.53 -4.41
CA ASN D 240 14.24 -27.84 -5.65
C ASN D 240 15.39 -27.67 -6.66
N THR D 241 16.60 -27.41 -6.17
CA THR D 241 17.78 -27.25 -7.03
C THR D 241 18.11 -28.55 -7.77
N GLU D 242 17.99 -29.66 -7.05
CA GLU D 242 18.31 -30.98 -7.61
C GLU D 242 17.26 -31.39 -8.64
N LYS D 243 16.01 -31.05 -8.36
CA LYS D 243 14.90 -31.35 -9.27
C LYS D 243 15.02 -30.52 -10.55
N LEU D 244 15.54 -29.30 -10.43
CA LEU D 244 15.71 -28.44 -11.60
C LEU D 244 16.93 -28.84 -12.41
N LEU D 245 17.97 -29.29 -11.72
CA LEU D 245 19.15 -29.85 -12.38
C LEU D 245 18.78 -31.08 -13.21
N LYS D 246 17.95 -31.96 -12.64
CA LYS D 246 17.47 -33.16 -13.34
C LYS D 246 16.69 -32.84 -14.62
N ILE D 247 15.84 -31.81 -14.55
CA ILE D 247 15.05 -31.38 -15.71
C ILE D 247 15.98 -30.83 -16.81
N LEU D 248 16.94 -30.01 -16.40
CA LEU D 248 17.90 -29.41 -17.33
C LEU D 248 18.77 -30.45 -18.04
N ARG D 249 19.28 -31.41 -17.26
CA ARG D 249 20.10 -32.51 -17.81
C ARG D 249 19.30 -33.38 -18.77
N ASP D 250 18.07 -33.72 -18.38
CA ASP D 250 17.23 -34.66 -19.15
C ASP D 250 16.74 -34.10 -20.49
N ASN D 251 16.53 -32.79 -20.54
CA ASN D 251 16.13 -32.12 -21.77
C ASN D 251 17.29 -31.94 -22.74
N VAL D 252 18.47 -31.69 -22.18
CA VAL D 252 19.72 -31.66 -22.95
C VAL D 252 19.96 -33.02 -23.62
N SER D 253 19.82 -34.11 -22.85
CA SER D 253 19.97 -35.48 -23.37
C SER D 253 18.96 -35.82 -24.48
N GLN D 254 17.78 -35.21 -24.42
CA GLN D 254 16.74 -35.40 -25.44
C GLN D 254 17.06 -34.61 -26.73
C1 EDO E . 5.51 18.84 -9.33
O1 EDO E . 5.32 20.23 -9.53
C2 EDO E . 4.47 18.33 -8.33
O2 EDO E . 4.84 17.02 -7.91
C1 EDO F . 13.89 25.83 17.67
O1 EDO F . 13.83 24.97 16.51
C2 EDO F . 15.34 26.09 18.12
O2 EDO F . 16.01 25.06 18.92
C1 EDO G . 0.50 -20.43 0.63
O1 EDO G . -0.89 -20.69 0.41
C2 EDO G . 0.87 -20.89 2.03
O2 EDO G . 1.21 -22.29 1.99
C1 EDO H . -33.53 -27.50 7.37
O1 EDO H . -33.39 -26.24 6.72
C2 EDO H . -32.92 -27.50 8.76
O2 EDO H . -32.30 -28.78 8.95
C1 EDO I . -12.63 -48.48 -34.25
O1 EDO I . -13.63 -49.18 -33.49
C2 EDO I . -11.89 -47.47 -33.37
O2 EDO I . -11.46 -48.09 -32.13
C1 EDO J . -12.11 -20.98 -17.41
O1 EDO J . -12.90 -19.85 -16.98
C2 EDO J . -11.17 -20.51 -18.51
O2 EDO J . -11.92 -19.68 -19.41
#